data_1YH5
#
_entry.id   1YH5
#
_cell.length_a   1.000
_cell.length_b   1.000
_cell.length_c   1.000
_cell.angle_alpha   90.00
_cell.angle_beta   90.00
_cell.angle_gamma   90.00
#
_symmetry.space_group_name_H-M   'P 1'
#
_entity_poly.entity_id   1
_entity_poly.type   'polypeptide(L)'
_entity_poly.pdbx_seq_one_letter_code
;MDGVMSAVTVNDDGLVLRLYIQPKASRDSIVGLHGDEVKVAITAPPVDGQANSHLVKFLGKQFRVAKSQVVIEKGELGRH
KQIKIINPQQIPPEVAALINLEHHHHHH
;
_entity_poly.pdbx_strand_id   A
#
# COMPACT_ATOMS: atom_id res chain seq x y z
N MET A 1 -19.91 -8.00 -14.59
CA MET A 1 -18.95 -8.05 -13.46
C MET A 1 -17.59 -7.50 -13.90
N ASP A 2 -17.63 -6.34 -14.57
CA ASP A 2 -16.41 -5.70 -15.04
C ASP A 2 -15.61 -5.14 -13.85
N GLY A 3 -15.06 -6.05 -13.05
CA GLY A 3 -14.28 -5.65 -11.89
C GLY A 3 -13.58 -6.86 -11.28
N VAL A 4 -12.34 -7.11 -11.73
CA VAL A 4 -11.57 -8.24 -11.23
C VAL A 4 -10.25 -7.76 -10.62
N MET A 5 -9.79 -6.59 -11.06
CA MET A 5 -8.54 -6.03 -10.56
C MET A 5 -8.81 -5.08 -9.38
N SER A 6 -8.69 -5.62 -8.17
CA SER A 6 -8.91 -4.81 -6.96
C SER A 6 -7.64 -4.02 -6.62
N ALA A 7 -7.77 -3.07 -5.71
CA ALA A 7 -6.64 -2.25 -5.29
C ALA A 7 -5.53 -3.17 -4.82
N VAL A 8 -5.91 -4.12 -3.97
CA VAL A 8 -4.96 -5.06 -3.44
C VAL A 8 -4.88 -6.30 -4.33
N THR A 9 -3.66 -6.77 -4.58
CA THR A 9 -3.47 -7.95 -5.43
C THR A 9 -2.30 -8.79 -4.90
N VAL A 10 -2.56 -10.07 -4.65
CA VAL A 10 -1.52 -10.96 -4.16
C VAL A 10 -0.60 -11.39 -5.30
N ASN A 11 0.58 -11.90 -4.97
CA ASN A 11 1.54 -12.33 -5.96
C ASN A 11 2.35 -13.51 -5.44
N ASP A 12 3.32 -13.96 -6.24
CA ASP A 12 4.16 -15.08 -5.85
C ASP A 12 4.69 -14.90 -4.43
N ASP A 13 5.45 -13.82 -4.21
CA ASP A 13 6.01 -13.53 -2.89
C ASP A 13 5.85 -12.05 -2.56
N GLY A 14 4.66 -11.51 -2.84
CA GLY A 14 4.39 -10.10 -2.56
C GLY A 14 2.97 -9.73 -2.97
N LEU A 15 2.70 -8.43 -3.05
CA LEU A 15 1.37 -7.97 -3.44
C LEU A 15 1.42 -6.54 -3.98
N VAL A 16 0.55 -6.26 -4.95
CA VAL A 16 0.50 -4.92 -5.55
C VAL A 16 -0.48 -4.04 -4.77
N LEU A 17 -0.29 -2.74 -4.85
CA LEU A 17 -1.16 -1.80 -4.14
C LEU A 17 -1.30 -0.51 -4.93
N ARG A 18 -2.54 -0.13 -5.22
CA ARG A 18 -2.80 1.10 -5.97
C ARG A 18 -2.71 2.31 -5.03
N LEU A 19 -2.49 3.49 -5.62
CA LEU A 19 -2.38 4.71 -4.82
C LEU A 19 -2.94 5.90 -5.58
N TYR A 20 -3.08 7.02 -4.87
CA TYR A 20 -3.61 8.26 -5.44
C TYR A 20 -3.09 9.45 -4.65
N ILE A 21 -1.91 9.93 -5.03
CA ILE A 21 -1.29 11.05 -4.33
C ILE A 21 -1.95 12.39 -4.72
N GLN A 22 -1.82 13.36 -3.83
CA GLN A 22 -2.38 14.69 -4.06
C GLN A 22 -1.43 15.74 -3.47
N PRO A 23 -0.89 16.62 -4.29
CA PRO A 23 0.05 17.67 -3.82
C PRO A 23 -0.60 18.61 -2.81
N LYS A 24 0.23 19.38 -2.12
CA LYS A 24 -0.23 20.33 -1.11
C LYS A 24 -0.91 19.59 0.05
N ALA A 25 -0.13 19.30 1.09
CA ALA A 25 -0.67 18.59 2.26
C ALA A 25 0.27 18.75 3.46
N SER A 26 1.57 18.64 3.23
CA SER A 26 2.58 18.79 4.29
C SER A 26 2.82 17.45 5.01
N ARG A 27 1.89 16.51 4.88
CA ARG A 27 2.02 15.21 5.53
C ARG A 27 1.16 14.18 4.81
N ASP A 28 1.60 12.92 4.83
CA ASP A 28 0.85 11.85 4.17
C ASP A 28 -0.49 11.65 4.83
N SER A 29 -1.43 12.50 4.46
CA SER A 29 -2.77 12.44 5.00
C SER A 29 -3.53 11.24 4.43
N ILE A 30 -3.75 10.23 5.27
CA ILE A 30 -4.48 9.05 4.83
C ILE A 30 -5.97 9.36 4.77
N VAL A 31 -6.45 9.71 3.58
CA VAL A 31 -7.84 10.05 3.38
C VAL A 31 -8.77 8.92 3.84
N GLY A 32 -8.55 7.72 3.29
CA GLY A 32 -9.37 6.57 3.64
C GLY A 32 -8.91 5.30 2.92
N LEU A 33 -7.72 4.81 3.27
CA LEU A 33 -7.17 3.62 2.64
C LEU A 33 -8.13 2.43 2.81
N HIS A 34 -9.06 2.30 1.87
CA HIS A 34 -10.04 1.21 1.93
C HIS A 34 -10.26 0.59 0.55
N GLY A 35 -9.29 -0.20 0.11
CA GLY A 35 -9.37 -0.87 -1.19
C GLY A 35 -9.81 0.11 -2.28
N ASP A 36 -10.13 -0.43 -3.46
CA ASP A 36 -10.57 0.39 -4.59
C ASP A 36 -9.46 1.33 -5.05
N GLU A 37 -8.91 2.10 -4.11
CA GLU A 37 -7.84 3.04 -4.39
C GLU A 37 -7.48 3.82 -3.12
N VAL A 38 -6.21 3.76 -2.72
CA VAL A 38 -5.77 4.45 -1.51
C VAL A 38 -5.30 5.87 -1.82
N LYS A 39 -6.13 6.85 -1.46
CA LYS A 39 -5.78 8.25 -1.70
C LYS A 39 -4.81 8.76 -0.64
N VAL A 40 -3.94 9.68 -1.03
CA VAL A 40 -2.95 10.25 -0.12
C VAL A 40 -2.58 11.64 -0.60
N ALA A 41 -1.98 12.44 0.28
CA ALA A 41 -1.59 13.80 -0.08
C ALA A 41 -0.31 14.21 0.63
N ILE A 42 0.60 14.85 -0.11
CA ILE A 42 1.88 15.31 0.44
C ILE A 42 2.31 16.60 -0.24
N THR A 43 3.03 17.44 0.47
CA THR A 43 3.51 18.71 -0.11
C THR A 43 4.67 18.44 -1.06
N ALA A 44 5.11 17.18 -1.11
CA ALA A 44 6.22 16.78 -1.97
C ALA A 44 5.69 16.17 -3.26
N PRO A 45 6.07 16.70 -4.40
CA PRO A 45 5.62 16.17 -5.71
C PRO A 45 6.02 14.70 -5.89
N PRO A 46 5.74 14.11 -7.02
CA PRO A 46 6.09 12.69 -7.29
C PRO A 46 7.58 12.52 -7.60
N VAL A 47 8.36 13.55 -7.32
CA VAL A 47 9.80 13.49 -7.56
C VAL A 47 10.42 12.34 -6.78
N ASP A 48 10.77 11.27 -7.51
CA ASP A 48 11.38 10.09 -6.89
C ASP A 48 12.52 10.50 -5.95
N GLY A 49 13.01 11.72 -6.10
CA GLY A 49 14.08 12.22 -5.25
C GLY A 49 13.62 12.40 -3.81
N GLN A 50 12.60 13.25 -3.61
CA GLN A 50 12.08 13.50 -2.26
C GLN A 50 10.77 12.74 -2.04
N ALA A 51 9.99 12.56 -3.09
CA ALA A 51 8.71 11.87 -2.99
C ALA A 51 8.89 10.44 -2.46
N ASN A 52 9.94 9.77 -2.91
CA ASN A 52 10.22 8.40 -2.47
C ASN A 52 10.50 8.34 -0.98
N SER A 53 11.12 9.40 -0.45
CA SER A 53 11.46 9.45 0.97
C SER A 53 10.20 9.25 1.82
N HIS A 54 9.36 10.28 1.89
CA HIS A 54 8.13 10.22 2.67
C HIS A 54 7.32 8.98 2.34
N LEU A 55 7.09 8.76 1.04
CA LEU A 55 6.32 7.61 0.57
C LEU A 55 6.75 6.33 1.29
N VAL A 56 8.03 5.99 1.18
CA VAL A 56 8.55 4.77 1.80
C VAL A 56 8.45 4.84 3.32
N LYS A 57 8.83 5.98 3.89
CA LYS A 57 8.78 6.15 5.35
C LYS A 57 7.38 5.82 5.88
N PHE A 58 6.39 6.53 5.35
CA PHE A 58 5.00 6.32 5.76
C PHE A 58 4.60 4.86 5.64
N LEU A 59 4.52 4.37 4.40
CA LEU A 59 4.14 2.97 4.16
C LEU A 59 5.13 2.03 4.82
N GLY A 60 6.27 2.57 5.27
CA GLY A 60 7.28 1.78 5.94
C GLY A 60 6.81 1.31 7.31
N LYS A 61 6.50 2.27 8.19
CA LYS A 61 6.02 1.94 9.52
C LYS A 61 4.65 1.28 9.47
N GLN A 62 3.77 1.82 8.62
CA GLN A 62 2.42 1.28 8.48
C GLN A 62 2.46 -0.23 8.18
N PHE A 63 3.24 -0.60 7.17
CA PHE A 63 3.37 -2.01 6.79
C PHE A 63 4.61 -2.63 7.42
N ARG A 64 5.33 -1.82 8.20
CA ARG A 64 6.55 -2.28 8.87
C ARG A 64 7.55 -2.83 7.85
N VAL A 65 7.78 -2.05 6.78
CA VAL A 65 8.71 -2.44 5.73
C VAL A 65 9.62 -1.27 5.35
N ALA A 66 10.31 -1.39 4.20
CA ALA A 66 11.21 -0.35 3.73
C ALA A 66 11.71 -0.67 2.32
N LYS A 67 12.56 0.18 1.78
CA LYS A 67 13.11 -0.01 0.44
C LYS A 67 13.54 -1.47 0.22
N SER A 68 14.00 -2.11 1.29
CA SER A 68 14.44 -3.50 1.23
C SER A 68 13.30 -4.42 0.78
N GLN A 69 12.10 -3.83 0.65
CA GLN A 69 10.92 -4.59 0.24
C GLN A 69 9.97 -3.72 -0.59
N VAL A 70 9.98 -2.41 -0.34
CA VAL A 70 9.10 -1.49 -1.06
C VAL A 70 9.76 -1.09 -2.38
N VAL A 71 9.01 -1.26 -3.47
CA VAL A 71 9.52 -0.92 -4.79
C VAL A 71 8.44 -0.23 -5.63
N ILE A 72 8.77 0.94 -6.15
CA ILE A 72 7.82 1.68 -6.98
C ILE A 72 7.72 1.02 -8.36
N GLU A 73 6.49 0.77 -8.79
CA GLU A 73 6.26 0.13 -10.08
C GLU A 73 6.13 1.17 -11.20
N LYS A 74 4.97 1.82 -11.26
CA LYS A 74 4.72 2.84 -12.29
C LYS A 74 3.61 3.80 -11.85
N GLY A 75 3.28 4.74 -12.73
CA GLY A 75 2.26 5.73 -12.42
C GLY A 75 2.84 6.78 -11.48
N GLU A 76 4.12 6.63 -11.18
CA GLU A 76 4.83 7.55 -10.29
C GLU A 76 4.67 9.00 -10.75
N LEU A 77 4.30 9.20 -12.01
CA LEU A 77 4.12 10.55 -12.54
C LEU A 77 2.71 11.05 -12.31
N GLY A 78 2.21 10.92 -11.08
CA GLY A 78 0.87 11.38 -10.76
C GLY A 78 0.31 10.70 -9.52
N ARG A 79 -1.01 10.76 -9.37
CA ARG A 79 -1.68 10.16 -8.22
C ARG A 79 -1.76 8.65 -8.41
N HIS A 80 -2.32 8.22 -9.54
CA HIS A 80 -2.44 6.80 -9.84
C HIS A 80 -1.07 6.16 -9.89
N LYS A 81 -0.69 5.49 -8.82
CA LYS A 81 0.62 4.84 -8.75
C LYS A 81 0.50 3.47 -8.08
N GLN A 82 1.32 2.53 -8.53
CA GLN A 82 1.29 1.18 -7.97
C GLN A 82 2.62 0.86 -7.29
N ILE A 83 2.55 0.03 -6.26
CA ILE A 83 3.75 -0.37 -5.51
C ILE A 83 3.66 -1.83 -5.12
N LYS A 84 4.76 -2.55 -5.29
CA LYS A 84 4.80 -3.98 -4.97
C LYS A 84 5.47 -4.20 -3.61
N ILE A 85 4.70 -4.74 -2.67
CA ILE A 85 5.22 -5.02 -1.33
C ILE A 85 5.78 -6.44 -1.27
N ILE A 86 7.10 -6.56 -1.30
CA ILE A 86 7.75 -7.87 -1.26
C ILE A 86 7.85 -8.40 0.17
N ASN A 87 7.51 -9.68 0.34
CA ASN A 87 7.57 -10.34 1.65
C ASN A 87 7.42 -9.35 2.80
N PRO A 88 6.20 -9.00 3.16
CA PRO A 88 5.94 -8.04 4.26
C PRO A 88 6.23 -8.66 5.63
N GLN A 89 5.57 -8.13 6.66
CA GLN A 89 5.76 -8.63 8.03
C GLN A 89 4.46 -8.48 8.80
N GLN A 90 3.91 -7.27 8.77
CA GLN A 90 2.66 -6.99 9.46
C GLN A 90 1.82 -6.01 8.64
N ILE A 91 0.66 -5.65 9.18
CA ILE A 91 -0.23 -4.72 8.49
C ILE A 91 -1.18 -4.07 9.49
N PRO A 92 -1.88 -3.04 9.08
CA PRO A 92 -2.83 -2.32 9.96
C PRO A 92 -4.09 -3.14 10.21
N PRO A 93 -4.73 -2.93 11.35
CA PRO A 93 -5.97 -3.66 11.71
C PRO A 93 -6.99 -3.65 10.57
N GLU A 94 -6.92 -2.60 9.75
CA GLU A 94 -7.83 -2.46 8.60
C GLU A 94 -7.80 -3.71 7.73
N VAL A 95 -6.60 -4.13 7.33
CA VAL A 95 -6.44 -5.32 6.49
C VAL A 95 -6.72 -6.60 7.28
N ALA A 96 -6.49 -6.54 8.59
CA ALA A 96 -6.73 -7.70 9.46
C ALA A 96 -8.14 -8.27 9.26
N ALA A 97 -8.98 -7.54 8.53
CA ALA A 97 -10.34 -7.99 8.27
C ALA A 97 -10.33 -9.26 7.44
N LEU A 98 -9.77 -9.18 6.23
CA LEU A 98 -9.69 -10.32 5.34
C LEU A 98 -8.49 -11.16 5.77
N ILE A 99 -8.63 -11.74 6.96
CA ILE A 99 -7.57 -12.55 7.54
C ILE A 99 -8.13 -13.57 8.53
N ASN A 100 -9.45 -13.71 8.56
CA ASN A 100 -10.09 -14.66 9.46
C ASN A 100 -9.78 -16.08 9.00
N LEU A 101 -10.40 -16.49 7.89
CA LEU A 101 -10.20 -17.81 7.32
C LEU A 101 -9.97 -18.86 8.42
N GLU A 102 -11.05 -19.24 9.09
CA GLU A 102 -10.96 -20.23 10.17
C GLU A 102 -9.98 -21.34 9.81
N HIS A 103 -9.16 -21.72 10.77
CA HIS A 103 -8.16 -22.76 10.55
C HIS A 103 -8.82 -24.13 10.51
N HIS A 104 -8.16 -25.09 9.87
CA HIS A 104 -8.68 -26.44 9.76
C HIS A 104 -8.64 -27.13 11.13
N HIS A 105 -9.61 -28.01 11.37
CA HIS A 105 -9.68 -28.72 12.64
C HIS A 105 -9.82 -27.75 13.82
N HIS A 106 -11.00 -27.73 14.42
CA HIS A 106 -11.25 -26.82 15.55
C HIS A 106 -10.49 -27.31 16.78
N HIS A 107 -9.72 -26.41 17.39
CA HIS A 107 -8.95 -26.75 18.58
C HIS A 107 -9.86 -26.82 19.80
N HIS A 108 -9.58 -27.79 20.67
CA HIS A 108 -10.37 -27.98 21.89
C HIS A 108 -10.50 -26.66 22.65
N MET A 1 -7.84 -11.72 -9.50
CA MET A 1 -8.08 -12.78 -10.51
C MET A 1 -7.97 -12.18 -11.91
N ASP A 2 -8.34 -10.91 -12.01
CA ASP A 2 -8.29 -10.20 -13.30
C ASP A 2 -8.22 -8.69 -13.08
N GLY A 3 -9.36 -8.01 -13.23
CA GLY A 3 -9.43 -6.56 -13.05
C GLY A 3 -10.73 -6.16 -12.36
N VAL A 4 -11.81 -6.89 -12.67
CA VAL A 4 -13.11 -6.60 -12.08
C VAL A 4 -13.12 -6.95 -10.59
N MET A 5 -13.31 -5.93 -9.75
CA MET A 5 -13.34 -6.13 -8.31
C MET A 5 -12.00 -6.69 -7.81
N SER A 6 -10.97 -6.58 -8.65
CA SER A 6 -9.64 -7.07 -8.28
C SER A 6 -8.95 -6.07 -7.36
N ALA A 7 -7.79 -6.49 -6.81
CA ALA A 7 -7.02 -5.64 -5.90
C ALA A 7 -6.05 -6.49 -5.09
N VAL A 8 -6.31 -7.79 -5.04
CA VAL A 8 -5.48 -8.72 -4.28
C VAL A 8 -5.49 -10.09 -4.94
N THR A 9 -4.30 -10.58 -5.30
CA THR A 9 -4.18 -11.88 -5.95
C THR A 9 -2.94 -12.60 -5.43
N VAL A 10 -3.12 -13.85 -5.00
CA VAL A 10 -2.01 -14.64 -4.49
C VAL A 10 -1.17 -15.17 -5.64
N ASN A 11 0.07 -15.54 -5.33
CA ASN A 11 0.99 -16.06 -6.35
C ASN A 11 1.91 -17.11 -5.73
N ASP A 12 2.94 -17.49 -6.47
CA ASP A 12 3.88 -18.49 -5.99
C ASP A 12 4.47 -18.10 -4.64
N ASP A 13 5.09 -16.92 -4.58
CA ASP A 13 5.71 -16.46 -3.34
C ASP A 13 5.42 -14.96 -3.11
N GLY A 14 4.15 -14.59 -3.19
CA GLY A 14 3.77 -13.19 -2.98
C GLY A 14 2.36 -12.93 -3.45
N LEU A 15 1.96 -11.67 -3.40
CA LEU A 15 0.61 -11.29 -3.81
C LEU A 15 0.61 -9.95 -4.54
N VAL A 16 -0.05 -9.93 -5.69
CA VAL A 16 -0.13 -8.71 -6.49
C VAL A 16 -1.34 -7.89 -6.05
N LEU A 17 -1.19 -6.57 -6.05
CA LEU A 17 -2.29 -5.70 -5.64
C LEU A 17 -2.20 -4.35 -6.34
N ARG A 18 -3.35 -3.82 -6.77
CA ARG A 18 -3.40 -2.53 -7.43
C ARG A 18 -3.42 -1.41 -6.40
N LEU A 19 -3.03 -0.21 -6.82
CA LEU A 19 -3.00 0.93 -5.91
C LEU A 19 -3.42 2.21 -6.64
N TYR A 20 -3.46 3.31 -5.91
CA TYR A 20 -3.86 4.60 -6.48
C TYR A 20 -3.24 5.73 -5.65
N ILE A 21 -2.10 6.21 -6.11
CA ILE A 21 -1.39 7.27 -5.40
C ILE A 21 -2.13 8.59 -5.53
N GLN A 22 -1.93 9.46 -4.53
CA GLN A 22 -2.58 10.77 -4.52
C GLN A 22 -1.65 11.81 -3.89
N PRO A 23 -0.91 12.52 -4.69
CA PRO A 23 0.03 13.57 -4.19
C PRO A 23 -0.72 14.78 -3.65
N LYS A 24 -0.01 15.90 -3.46
CA LYS A 24 -0.61 17.13 -2.92
C LYS A 24 -1.78 16.82 -1.99
N ALA A 25 -1.63 15.74 -1.21
CA ALA A 25 -2.67 15.32 -0.29
C ALA A 25 -2.66 16.20 0.96
N SER A 26 -3.12 15.65 2.08
CA SER A 26 -3.16 16.39 3.34
C SER A 26 -3.46 15.43 4.48
N ARG A 27 -2.94 14.20 4.35
CA ARG A 27 -3.16 13.17 5.35
C ARG A 27 -2.19 12.00 5.17
N ASP A 28 -2.14 11.14 6.18
CA ASP A 28 -1.26 9.98 6.13
C ASP A 28 -1.69 9.00 5.05
N SER A 29 -0.83 8.03 4.76
CA SER A 29 -1.12 7.03 3.74
C SER A 29 -2.28 6.14 4.16
N ILE A 30 -2.75 5.31 3.23
CA ILE A 30 -3.87 4.40 3.49
C ILE A 30 -5.10 5.21 3.90
N VAL A 31 -5.88 5.60 2.90
CA VAL A 31 -7.07 6.41 3.13
C VAL A 31 -8.33 5.53 3.20
N GLY A 32 -8.40 4.53 2.35
CA GLY A 32 -9.58 3.65 2.31
C GLY A 32 -9.36 2.42 1.45
N LEU A 33 -8.50 1.50 1.91
CA LEU A 33 -8.21 0.27 1.17
C LEU A 33 -9.48 -0.57 0.99
N HIS A 34 -10.42 -0.05 0.22
CA HIS A 34 -11.67 -0.75 -0.04
C HIS A 34 -12.08 -0.58 -1.50
N GLY A 35 -13.13 -1.29 -1.91
CA GLY A 35 -13.62 -1.19 -3.29
C GLY A 35 -12.87 -2.14 -4.21
N ASP A 36 -11.99 -1.58 -5.04
CA ASP A 36 -11.21 -2.37 -5.99
C ASP A 36 -9.83 -1.76 -6.20
N GLU A 37 -9.51 -0.74 -5.41
CA GLU A 37 -8.22 -0.07 -5.51
C GLU A 37 -7.87 0.58 -4.18
N VAL A 38 -6.62 0.41 -3.76
CA VAL A 38 -6.17 0.96 -2.48
C VAL A 38 -5.60 2.36 -2.69
N LYS A 39 -6.20 3.34 -2.02
CA LYS A 39 -5.73 4.71 -2.10
C LYS A 39 -4.46 4.87 -1.27
N VAL A 40 -3.61 5.80 -1.68
CA VAL A 40 -2.36 6.05 -0.96
C VAL A 40 -1.92 7.49 -1.16
N ALA A 41 -1.50 8.13 -0.08
CA ALA A 41 -1.06 9.51 -0.14
C ALA A 41 0.06 9.76 0.87
N ILE A 42 1.12 10.42 0.42
CA ILE A 42 2.25 10.72 1.29
C ILE A 42 2.79 12.12 0.99
N THR A 43 2.07 12.86 0.15
CA THR A 43 2.45 14.22 -0.24
C THR A 43 3.63 14.21 -1.20
N ALA A 44 4.30 13.07 -1.33
CA ALA A 44 5.44 12.94 -2.24
C ALA A 44 4.96 12.45 -3.61
N PRO A 45 5.34 13.12 -4.67
CA PRO A 45 4.93 12.71 -6.05
C PRO A 45 5.38 11.27 -6.36
N PRO A 46 5.13 10.79 -7.55
CA PRO A 46 5.51 9.41 -7.96
C PRO A 46 7.00 9.30 -8.26
N VAL A 47 7.76 10.33 -7.85
CA VAL A 47 9.21 10.35 -8.08
C VAL A 47 9.81 8.98 -7.79
N ASP A 48 9.90 8.14 -8.82
CA ASP A 48 10.46 6.81 -8.66
C ASP A 48 11.78 6.85 -7.88
N GLY A 49 12.36 8.04 -7.78
CA GLY A 49 13.62 8.22 -7.06
C GLY A 49 13.41 8.32 -5.55
N GLN A 50 12.62 9.30 -5.11
CA GLN A 50 12.36 9.49 -3.68
C GLN A 50 11.01 8.91 -3.27
N ALA A 51 10.05 8.89 -4.20
CA ALA A 51 8.72 8.37 -3.92
C ALA A 51 8.78 6.91 -3.49
N ASN A 52 9.62 6.13 -4.16
CA ASN A 52 9.78 4.71 -3.84
C ASN A 52 10.35 4.54 -2.43
N SER A 53 11.20 5.47 -2.02
CA SER A 53 11.83 5.42 -0.71
C SER A 53 10.76 5.33 0.39
N HIS A 54 10.06 6.42 0.63
CA HIS A 54 9.01 6.47 1.64
C HIS A 54 8.09 5.26 1.50
N LEU A 55 7.53 5.12 0.29
CA LEU A 55 6.63 4.02 0.00
C LEU A 55 7.15 2.69 0.53
N VAL A 56 8.40 2.37 0.23
CA VAL A 56 9.00 1.12 0.67
C VAL A 56 9.03 1.04 2.21
N LYS A 57 9.70 2.01 2.84
CA LYS A 57 9.78 2.03 4.30
C LYS A 57 8.39 2.01 4.93
N PHE A 58 7.50 2.86 4.42
CA PHE A 58 6.13 2.92 4.95
C PHE A 58 5.52 1.52 5.01
N LEU A 59 5.37 0.89 3.84
CA LEU A 59 4.82 -0.46 3.78
C LEU A 59 5.69 -1.42 4.59
N GLY A 60 6.98 -1.11 4.68
CA GLY A 60 7.91 -1.94 5.43
C GLY A 60 7.39 -2.22 6.83
N LYS A 61 7.24 -1.15 7.61
CA LYS A 61 6.74 -1.27 8.98
C LYS A 61 5.29 -1.79 8.98
N GLN A 62 4.49 -1.29 8.05
CA GLN A 62 3.09 -1.67 7.95
C GLN A 62 2.95 -3.19 7.86
N PHE A 63 3.65 -3.80 6.90
CA PHE A 63 3.60 -5.25 6.73
C PHE A 63 4.78 -5.92 7.41
N ARG A 64 5.56 -5.14 8.15
CA ARG A 64 6.73 -5.67 8.87
C ARG A 64 7.50 -6.66 7.98
N VAL A 65 8.03 -6.14 6.87
CA VAL A 65 8.78 -6.98 5.94
C VAL A 65 10.02 -6.25 5.42
N ALA A 66 11.00 -7.02 4.95
CA ALA A 66 12.24 -6.45 4.42
C ALA A 66 11.96 -5.61 3.17
N LYS A 67 12.97 -4.85 2.75
CA LYS A 67 12.84 -4.00 1.57
C LYS A 67 13.00 -4.81 0.28
N SER A 68 13.94 -5.76 0.31
CA SER A 68 14.20 -6.60 -0.87
C SER A 68 12.97 -7.42 -1.25
N GLN A 69 11.87 -7.22 -0.53
CA GLN A 69 10.63 -7.94 -0.80
C GLN A 69 9.65 -7.04 -1.57
N VAL A 70 9.96 -5.74 -1.62
CA VAL A 70 9.11 -4.79 -2.33
C VAL A 70 9.56 -4.67 -3.78
N VAL A 71 8.61 -4.80 -4.71
CA VAL A 71 8.92 -4.69 -6.13
C VAL A 71 7.80 -3.98 -6.88
N ILE A 72 8.09 -2.80 -7.39
CA ILE A 72 7.12 -2.01 -8.14
C ILE A 72 6.95 -2.58 -9.55
N GLU A 73 5.72 -2.96 -9.89
CA GLU A 73 5.44 -3.51 -11.21
C GLU A 73 5.15 -2.37 -12.18
N LYS A 74 4.38 -1.40 -11.72
CA LYS A 74 4.04 -0.23 -12.52
C LYS A 74 3.67 0.92 -11.58
N GLY A 75 3.34 2.07 -12.16
CA GLY A 75 2.96 3.23 -11.36
C GLY A 75 3.78 4.46 -11.79
N GLU A 76 4.66 4.26 -12.76
CA GLU A 76 5.50 5.34 -13.27
C GLU A 76 4.67 6.55 -13.67
N LEU A 77 3.41 6.29 -14.04
CA LEU A 77 2.51 7.36 -14.45
C LEU A 77 1.74 7.92 -13.26
N GLY A 78 2.00 7.38 -12.07
CA GLY A 78 1.34 7.84 -10.85
C GLY A 78 -0.06 7.25 -10.71
N ARG A 79 -0.70 7.53 -9.57
CA ARG A 79 -2.05 7.02 -9.30
C ARG A 79 -2.13 5.55 -9.67
N HIS A 80 -2.52 5.29 -10.91
CA HIS A 80 -2.60 3.92 -11.41
C HIS A 80 -1.27 3.24 -11.14
N LYS A 81 -1.19 2.52 -10.02
CA LYS A 81 0.05 1.87 -9.64
C LYS A 81 -0.21 0.45 -9.18
N GLN A 82 0.81 -0.39 -9.33
CA GLN A 82 0.71 -1.79 -8.94
C GLN A 82 2.03 -2.23 -8.29
N ILE A 83 1.92 -3.09 -7.28
CA ILE A 83 3.11 -3.58 -6.59
C ILE A 83 2.98 -5.08 -6.34
N LYS A 84 4.06 -5.67 -5.84
CA LYS A 84 4.08 -7.10 -5.57
C LYS A 84 4.86 -7.38 -4.28
N ILE A 85 4.14 -7.88 -3.27
CA ILE A 85 4.77 -8.19 -1.99
C ILE A 85 5.29 -9.63 -1.99
N ILE A 86 6.60 -9.76 -2.14
CA ILE A 86 7.22 -11.08 -2.15
C ILE A 86 7.57 -11.52 -0.74
N ASN A 87 7.72 -12.83 -0.55
CA ASN A 87 8.07 -13.42 0.76
C ASN A 87 7.66 -12.50 1.91
N PRO A 88 6.41 -12.54 2.31
CA PRO A 88 5.91 -11.70 3.44
C PRO A 88 6.39 -12.21 4.80
N GLN A 89 5.73 -11.74 5.86
CA GLN A 89 6.09 -12.14 7.22
C GLN A 89 4.89 -12.01 8.15
N GLN A 90 4.09 -10.97 7.93
CA GLN A 90 2.89 -10.75 8.75
C GLN A 90 1.73 -10.29 7.88
N ILE A 91 0.53 -10.78 8.20
CA ILE A 91 -0.68 -10.41 7.47
C ILE A 91 -1.90 -10.59 8.39
N PRO A 92 -2.09 -9.68 9.31
CA PRO A 92 -3.23 -9.73 10.26
C PRO A 92 -4.54 -9.29 9.60
N PRO A 93 -5.59 -10.07 9.71
CA PRO A 93 -6.89 -9.73 9.09
C PRO A 93 -7.42 -8.38 9.60
N GLU A 94 -6.88 -7.94 10.73
CA GLU A 94 -7.29 -6.67 11.32
C GLU A 94 -7.20 -5.55 10.28
N VAL A 95 -6.17 -5.62 9.43
CA VAL A 95 -5.98 -4.62 8.40
C VAL A 95 -7.03 -4.77 7.30
N ALA A 96 -7.55 -5.98 7.13
CA ALA A 96 -8.57 -6.23 6.12
C ALA A 96 -9.75 -5.26 6.30
N ALA A 97 -10.18 -5.09 7.55
CA ALA A 97 -11.29 -4.18 7.85
C ALA A 97 -10.83 -3.09 8.81
N LEU A 98 -9.83 -2.32 8.39
CA LEU A 98 -9.32 -1.22 9.21
C LEU A 98 -10.24 -0.02 9.02
N ILE A 99 -11.50 -0.20 9.42
CA ILE A 99 -12.50 0.86 9.28
C ILE A 99 -13.70 0.59 10.19
N ASN A 100 -14.10 -0.67 10.29
CA ASN A 100 -15.24 -1.02 11.13
C ASN A 100 -14.86 -0.92 12.61
N LEU A 101 -13.59 -0.63 12.86
CA LEU A 101 -13.10 -0.50 14.23
C LEU A 101 -11.71 0.11 14.25
N GLU A 102 -11.65 1.44 14.36
CA GLU A 102 -10.36 2.14 14.39
C GLU A 102 -9.79 2.09 15.80
N HIS A 103 -9.94 3.20 16.54
CA HIS A 103 -9.43 3.28 17.90
C HIS A 103 -8.06 2.61 18.01
N HIS A 104 -8.00 1.49 18.73
CA HIS A 104 -6.75 0.75 18.90
C HIS A 104 -5.70 1.65 19.56
N HIS A 105 -4.51 1.70 18.97
CA HIS A 105 -3.43 2.52 19.51
C HIS A 105 -3.89 3.97 19.66
N HIS A 106 -3.74 4.52 20.87
CA HIS A 106 -4.15 5.89 21.14
C HIS A 106 -3.35 6.48 22.28
N HIS A 107 -2.03 6.38 22.19
CA HIS A 107 -1.14 6.92 23.23
C HIS A 107 -1.58 6.40 24.60
N HIS A 108 -2.30 5.26 24.60
CA HIS A 108 -2.77 4.64 25.83
C HIS A 108 -3.26 5.72 26.81
N MET A 1 -18.36 -13.77 -12.88
CA MET A 1 -17.02 -14.24 -12.44
C MET A 1 -16.25 -13.09 -11.80
N ASP A 2 -16.49 -11.88 -12.30
CA ASP A 2 -15.82 -10.70 -11.77
C ASP A 2 -15.89 -10.65 -10.26
N GLY A 3 -14.99 -9.89 -9.66
CA GLY A 3 -14.93 -9.75 -8.20
C GLY A 3 -13.52 -9.99 -7.70
N VAL A 4 -12.54 -9.62 -8.52
CA VAL A 4 -11.14 -9.79 -8.17
C VAL A 4 -10.32 -8.58 -8.61
N MET A 5 -10.70 -7.99 -9.74
CA MET A 5 -10.01 -6.82 -10.26
C MET A 5 -10.33 -5.58 -9.43
N SER A 6 -10.41 -5.77 -8.11
CA SER A 6 -10.70 -4.66 -7.20
C SER A 6 -9.46 -3.83 -6.94
N ALA A 7 -9.62 -2.75 -6.17
CA ALA A 7 -8.51 -1.87 -5.83
C ALA A 7 -7.42 -2.71 -5.20
N VAL A 8 -7.84 -3.66 -4.37
CA VAL A 8 -6.90 -4.54 -3.70
C VAL A 8 -6.69 -5.81 -4.54
N THR A 9 -5.45 -6.31 -4.55
CA THR A 9 -5.13 -7.51 -5.33
C THR A 9 -4.10 -8.35 -4.60
N VAL A 10 -4.41 -9.64 -4.41
CA VAL A 10 -3.50 -10.55 -3.73
C VAL A 10 -2.39 -11.03 -4.67
N ASN A 11 -1.26 -11.41 -4.09
CA ASN A 11 -0.12 -11.89 -4.88
C ASN A 11 0.63 -12.98 -4.11
N ASP A 12 1.74 -13.44 -4.69
CA ASP A 12 2.56 -14.49 -4.07
C ASP A 12 2.97 -14.11 -2.65
N ASP A 13 3.59 -12.94 -2.51
CA ASP A 13 4.04 -12.48 -1.20
C ASP A 13 3.72 -11.00 -1.01
N GLY A 14 2.45 -10.64 -1.14
CA GLY A 14 2.04 -9.25 -0.97
C GLY A 14 0.73 -8.99 -1.71
N LEU A 15 0.40 -7.71 -1.85
CA LEU A 15 -0.82 -7.32 -2.55
C LEU A 15 -0.69 -5.89 -3.09
N VAL A 16 -1.18 -5.69 -4.31
CA VAL A 16 -1.13 -4.37 -4.94
C VAL A 16 -2.31 -3.53 -4.45
N LEU A 17 -2.11 -2.22 -4.39
CA LEU A 17 -3.16 -1.32 -3.93
C LEU A 17 -3.14 0.00 -4.70
N ARG A 18 -4.32 0.50 -5.05
CA ARG A 18 -4.44 1.75 -5.78
C ARG A 18 -4.30 2.92 -4.83
N LEU A 19 -4.07 4.12 -5.38
CA LEU A 19 -3.92 5.31 -4.55
C LEU A 19 -4.53 6.53 -5.24
N TYR A 20 -4.55 7.65 -4.53
CA TYR A 20 -5.12 8.90 -5.03
C TYR A 20 -4.51 10.07 -4.26
N ILE A 21 -3.39 10.59 -4.76
CA ILE A 21 -2.70 11.68 -4.09
C ILE A 21 -3.48 12.99 -4.19
N GLN A 22 -3.35 13.82 -3.16
CA GLN A 22 -4.02 15.11 -3.09
C GLN A 22 -3.11 16.14 -2.45
N PRO A 23 -2.42 16.94 -3.23
CA PRO A 23 -1.50 17.98 -2.69
C PRO A 23 -2.26 19.05 -1.93
N LYS A 24 -1.62 19.61 -0.89
CA LYS A 24 -2.27 20.63 -0.07
C LYS A 24 -3.69 20.21 0.28
N ALA A 25 -3.82 19.34 1.29
CA ALA A 25 -5.14 18.84 1.66
C ALA A 25 -5.15 18.22 3.07
N SER A 26 -6.07 18.70 3.91
CA SER A 26 -6.23 18.21 5.27
C SER A 26 -4.87 17.92 5.94
N ARG A 27 -3.82 18.57 5.44
CA ARG A 27 -2.47 18.40 5.99
C ARG A 27 -2.10 16.92 6.14
N ASP A 28 -2.60 16.29 7.20
CA ASP A 28 -2.32 14.89 7.47
C ASP A 28 -2.85 13.99 6.37
N SER A 29 -2.06 12.98 6.00
CA SER A 29 -2.44 12.03 4.97
C SER A 29 -3.58 11.14 5.44
N ILE A 30 -4.08 10.30 4.52
CA ILE A 30 -5.18 9.40 4.83
C ILE A 30 -6.41 10.19 5.27
N VAL A 31 -6.93 10.97 4.33
CA VAL A 31 -8.10 11.80 4.61
C VAL A 31 -9.40 11.12 4.18
N GLY A 32 -9.32 10.30 3.13
CA GLY A 32 -10.50 9.61 2.64
C GLY A 32 -10.15 8.25 2.02
N LEU A 33 -9.68 7.33 2.86
CA LEU A 33 -9.33 6.00 2.39
C LEU A 33 -10.58 5.25 1.92
N HIS A 34 -11.13 5.69 0.80
CA HIS A 34 -12.33 5.08 0.25
C HIS A 34 -11.98 3.97 -0.73
N GLY A 35 -12.90 3.02 -0.89
CA GLY A 35 -12.68 1.91 -1.81
C GLY A 35 -12.41 2.41 -3.23
N ASP A 36 -11.90 1.53 -4.08
CA ASP A 36 -11.60 1.89 -5.47
C ASP A 36 -10.39 2.80 -5.56
N GLU A 37 -10.30 3.77 -4.63
CA GLU A 37 -9.19 4.71 -4.62
C GLU A 37 -8.94 5.24 -3.21
N VAL A 38 -7.72 5.05 -2.72
CA VAL A 38 -7.38 5.53 -1.38
C VAL A 38 -6.84 6.95 -1.45
N LYS A 39 -7.43 7.84 -0.66
CA LYS A 39 -7.00 9.23 -0.63
C LYS A 39 -5.65 9.35 0.08
N VAL A 40 -4.84 10.30 -0.35
CA VAL A 40 -3.53 10.50 0.25
C VAL A 40 -3.12 11.96 0.09
N ALA A 41 -2.64 12.56 1.19
CA ALA A 41 -2.22 13.96 1.17
C ALA A 41 -1.04 14.16 2.10
N ILE A 42 -0.04 14.87 1.62
CA ILE A 42 1.16 15.14 2.42
C ILE A 42 1.62 16.57 2.19
N THR A 43 0.74 17.37 1.61
CA THR A 43 1.04 18.77 1.32
C THR A 43 2.22 18.87 0.34
N ALA A 44 2.82 17.72 0.04
CA ALA A 44 3.94 17.66 -0.88
C ALA A 44 3.48 17.16 -2.25
N PRO A 45 3.77 17.88 -3.31
CA PRO A 45 3.38 17.46 -4.67
C PRO A 45 3.95 16.09 -5.02
N PRO A 46 3.65 15.59 -6.20
CA PRO A 46 4.17 14.26 -6.64
C PRO A 46 5.65 14.30 -6.95
N VAL A 47 6.33 15.31 -6.42
CA VAL A 47 7.77 15.46 -6.64
C VAL A 47 8.49 14.15 -6.38
N ASP A 48 8.83 13.43 -7.45
CA ASP A 48 9.52 12.16 -7.32
C ASP A 48 10.69 12.26 -6.34
N GLY A 49 11.12 13.50 -6.06
CA GLY A 49 12.23 13.73 -5.14
C GLY A 49 11.76 13.80 -3.69
N GLN A 50 10.67 14.53 -3.45
CA GLN A 50 10.14 14.68 -2.09
C GLN A 50 8.96 13.75 -1.87
N ALA A 51 8.14 13.57 -2.91
CA ALA A 51 6.96 12.71 -2.81
C ALA A 51 7.37 11.26 -2.54
N ASN A 52 8.38 10.78 -3.25
CA ASN A 52 8.86 9.41 -3.08
C ASN A 52 9.29 9.16 -1.64
N SER A 53 9.90 10.17 -1.02
CA SER A 53 10.38 10.06 0.36
C SER A 53 9.21 9.73 1.30
N HIS A 54 8.37 10.72 1.55
CA HIS A 54 7.22 10.53 2.43
C HIS A 54 6.46 9.27 2.06
N LEU A 55 6.14 9.13 0.78
CA LEU A 55 5.40 7.96 0.29
C LEU A 55 5.93 6.68 0.94
N VAL A 56 7.23 6.43 0.78
CA VAL A 56 7.85 5.24 1.35
C VAL A 56 7.82 5.29 2.88
N LYS A 57 8.40 6.35 3.45
CA LYS A 57 8.47 6.51 4.90
C LYS A 57 7.08 6.40 5.54
N PHE A 58 6.16 7.25 5.07
CA PHE A 58 4.80 7.28 5.59
C PHE A 58 4.19 5.87 5.64
N LEU A 59 3.92 5.30 4.46
CA LEU A 59 3.34 3.96 4.38
C LEU A 59 4.25 2.93 5.04
N GLY A 60 5.56 3.17 4.97
CA GLY A 60 6.54 2.26 5.56
C GLY A 60 6.12 1.86 6.97
N LYS A 61 6.09 2.84 7.88
CA LYS A 61 5.71 2.59 9.27
C LYS A 61 4.23 2.20 9.36
N GLN A 62 3.40 2.84 8.54
CA GLN A 62 1.96 2.58 8.54
C GLN A 62 1.69 1.08 8.33
N PHE A 63 2.38 0.50 7.35
CA PHE A 63 2.21 -0.92 7.04
C PHE A 63 3.27 -1.74 7.77
N ARG A 64 4.25 -1.05 8.35
CA ARG A 64 5.33 -1.70 9.09
C ARG A 64 6.18 -2.57 8.15
N VAL A 65 6.80 -1.92 7.16
CA VAL A 65 7.63 -2.65 6.20
C VAL A 65 8.80 -1.78 5.74
N ALA A 66 9.94 -2.42 5.49
CA ALA A 66 11.13 -1.71 5.02
C ALA A 66 10.90 -1.16 3.61
N LYS A 67 11.88 -0.42 3.10
CA LYS A 67 11.77 0.16 1.76
C LYS A 67 11.93 -0.91 0.68
N SER A 68 12.78 -1.90 0.96
CA SER A 68 13.03 -2.98 0.01
C SER A 68 11.77 -3.79 -0.27
N GLN A 69 10.69 -3.48 0.45
CA GLN A 69 9.42 -4.17 0.27
C GLN A 69 8.42 -3.28 -0.46
N VAL A 70 8.65 -1.97 -0.38
CA VAL A 70 7.79 -1.00 -1.03
C VAL A 70 8.33 -0.69 -2.42
N VAL A 71 7.50 -0.89 -3.45
CA VAL A 71 7.93 -0.62 -4.83
C VAL A 71 6.83 0.10 -5.60
N ILE A 72 7.16 1.28 -6.12
CA ILE A 72 6.21 2.07 -6.88
C ILE A 72 5.99 1.46 -8.27
N GLU A 73 4.73 1.31 -8.66
CA GLU A 73 4.41 0.73 -9.97
C GLU A 73 4.29 1.82 -11.04
N LYS A 74 3.19 2.58 -10.98
CA LYS A 74 2.98 3.65 -11.96
C LYS A 74 1.99 4.68 -11.42
N GLY A 75 1.58 5.61 -12.28
CA GLY A 75 0.65 6.66 -11.88
C GLY A 75 1.35 7.66 -10.99
N GLU A 76 2.65 7.45 -10.79
CA GLU A 76 3.46 8.34 -9.95
C GLU A 76 3.22 9.80 -10.32
N LEU A 77 2.97 10.05 -11.60
CA LEU A 77 2.75 11.40 -12.08
C LEU A 77 1.26 11.77 -11.99
N GLY A 78 0.68 11.60 -10.81
CA GLY A 78 -0.74 11.92 -10.62
C GLY A 78 -1.29 11.28 -9.34
N ARG A 79 -2.60 11.43 -9.16
CA ARG A 79 -3.28 10.87 -7.99
C ARG A 79 -3.41 9.36 -8.12
N HIS A 80 -4.06 8.92 -9.18
CA HIS A 80 -4.23 7.49 -9.42
C HIS A 80 -2.87 6.82 -9.50
N LYS A 81 -2.55 6.00 -8.50
CA LYS A 81 -1.25 5.34 -8.46
C LYS A 81 -1.38 3.91 -7.92
N GLN A 82 -0.38 3.09 -8.24
CA GLN A 82 -0.36 1.70 -7.79
C GLN A 82 0.96 1.39 -7.12
N ILE A 83 0.93 0.55 -6.09
CA ILE A 83 2.15 0.17 -5.37
C ILE A 83 2.07 -1.28 -4.90
N LYS A 84 3.21 -1.97 -4.95
CA LYS A 84 3.28 -3.37 -4.54
C LYS A 84 3.70 -3.48 -3.08
N ILE A 85 2.77 -3.90 -2.23
CA ILE A 85 3.05 -4.05 -0.80
C ILE A 85 3.56 -5.45 -0.47
N ILE A 86 4.88 -5.62 -0.47
CA ILE A 86 5.47 -6.93 -0.17
C ILE A 86 5.56 -7.12 1.35
N ASN A 87 5.18 -8.31 1.81
CA ASN A 87 5.23 -8.62 3.25
C ASN A 87 4.63 -7.46 4.06
N PRO A 88 3.33 -7.38 4.12
CA PRO A 88 2.62 -6.30 4.88
C PRO A 88 2.71 -6.51 6.39
N GLN A 89 2.73 -7.78 6.78
CA GLN A 89 2.85 -8.16 8.19
C GLN A 89 1.54 -7.93 8.96
N GLN A 90 1.08 -6.68 8.99
CA GLN A 90 -0.14 -6.36 9.73
C GLN A 90 -0.95 -5.23 9.07
N ILE A 91 -1.99 -4.79 9.82
CA ILE A 91 -2.92 -3.72 9.43
C ILE A 91 -4.21 -4.30 8.80
N PRO A 92 -4.27 -4.63 7.52
CA PRO A 92 -5.52 -5.20 6.93
C PRO A 92 -6.05 -6.37 7.77
N PRO A 93 -7.35 -6.55 7.81
CA PRO A 93 -8.01 -7.63 8.62
C PRO A 93 -7.37 -9.01 8.44
N GLU A 94 -7.73 -9.70 7.35
CA GLU A 94 -7.19 -11.05 7.10
C GLU A 94 -5.68 -11.07 7.29
N VAL A 95 -5.03 -9.98 6.91
CA VAL A 95 -3.58 -9.88 7.04
C VAL A 95 -3.15 -9.72 8.50
N ALA A 96 -4.01 -9.08 9.30
CA ALA A 96 -3.71 -8.86 10.71
C ALA A 96 -3.31 -10.17 11.39
N ALA A 97 -3.90 -11.27 10.93
CA ALA A 97 -3.60 -12.58 11.50
C ALA A 97 -2.43 -13.23 10.75
N LEU A 98 -2.27 -12.85 9.49
CA LEU A 98 -1.19 -13.40 8.66
C LEU A 98 -1.14 -14.92 8.80
N ILE A 99 -2.21 -15.58 8.36
CA ILE A 99 -2.29 -17.04 8.44
C ILE A 99 -3.46 -17.57 7.62
N ASN A 100 -3.86 -16.81 6.60
CA ASN A 100 -4.96 -17.21 5.73
C ASN A 100 -4.55 -18.38 4.84
N LEU A 101 -3.27 -18.74 4.89
CA LEU A 101 -2.77 -19.85 4.09
C LEU A 101 -3.27 -21.17 4.65
N GLU A 102 -2.55 -21.68 5.66
CA GLU A 102 -2.91 -22.94 6.29
C GLU A 102 -2.50 -22.94 7.76
N HIS A 103 -2.35 -24.15 8.31
CA HIS A 103 -1.96 -24.29 9.71
C HIS A 103 -1.52 -25.73 9.97
N HIS A 104 -1.37 -26.08 11.25
CA HIS A 104 -0.94 -27.43 11.61
C HIS A 104 0.36 -27.79 10.91
N HIS A 105 1.31 -26.84 10.93
CA HIS A 105 2.60 -27.03 10.29
C HIS A 105 3.27 -28.31 10.78
N HIS A 106 4.25 -28.78 10.01
CA HIS A 106 4.98 -30.01 10.36
C HIS A 106 5.78 -29.81 11.64
N HIS A 107 5.43 -30.56 12.68
CA HIS A 107 6.13 -30.46 13.96
C HIS A 107 7.56 -30.96 13.81
N HIS A 108 8.52 -30.10 14.13
CA HIS A 108 9.93 -30.47 14.03
C HIS A 108 10.76 -29.71 15.06
N MET A 1 -17.04 -10.11 -17.69
CA MET A 1 -17.94 -9.72 -16.56
C MET A 1 -17.34 -10.19 -15.24
N ASP A 2 -16.12 -9.72 -14.97
CA ASP A 2 -15.42 -10.09 -13.73
C ASP A 2 -15.64 -9.05 -12.64
N GLY A 3 -16.21 -7.91 -13.02
CA GLY A 3 -16.46 -6.84 -12.06
C GLY A 3 -15.24 -5.93 -11.94
N VAL A 4 -15.28 -5.00 -10.98
CA VAL A 4 -14.17 -4.08 -10.77
C VAL A 4 -12.94 -4.84 -10.27
N MET A 5 -11.76 -4.32 -10.59
CA MET A 5 -10.51 -4.95 -10.19
C MET A 5 -10.36 -4.94 -8.67
N SER A 6 -9.75 -5.99 -8.12
CA SER A 6 -9.55 -6.09 -6.69
C SER A 6 -8.32 -5.28 -6.27
N ALA A 7 -8.53 -4.25 -5.47
CA ALA A 7 -7.44 -3.42 -4.99
C ALA A 7 -6.40 -4.31 -4.32
N VAL A 8 -6.89 -5.22 -3.49
CA VAL A 8 -6.02 -6.14 -2.81
C VAL A 8 -5.88 -7.43 -3.60
N THR A 9 -4.65 -7.82 -3.88
CA THR A 9 -4.39 -9.03 -4.65
C THR A 9 -3.21 -9.80 -4.06
N VAL A 10 -3.39 -11.11 -3.88
CA VAL A 10 -2.33 -11.94 -3.33
C VAL A 10 -1.31 -12.27 -4.41
N ASN A 11 -0.14 -12.75 -4.01
CA ASN A 11 0.92 -13.08 -4.97
C ASN A 11 1.74 -14.26 -4.47
N ASP A 12 2.86 -14.49 -5.14
CA ASP A 12 3.75 -15.59 -4.78
C ASP A 12 4.13 -15.54 -3.31
N ASP A 13 4.75 -14.43 -2.91
CA ASP A 13 5.19 -14.26 -1.52
C ASP A 13 4.88 -12.84 -1.03
N GLY A 14 3.83 -12.24 -1.58
CA GLY A 14 3.44 -10.90 -1.19
C GLY A 14 2.04 -10.56 -1.67
N LEU A 15 1.70 -9.27 -1.61
CA LEU A 15 0.37 -8.82 -2.05
C LEU A 15 0.44 -7.43 -2.67
N VAL A 16 -0.33 -7.23 -3.73
CA VAL A 16 -0.37 -5.94 -4.41
C VAL A 16 -1.41 -5.03 -3.77
N LEU A 17 -1.13 -3.73 -3.77
CA LEU A 17 -2.05 -2.75 -3.20
C LEU A 17 -1.97 -1.43 -3.94
N ARG A 18 -3.13 -0.88 -4.28
CA ARG A 18 -3.20 0.39 -5.01
C ARG A 18 -3.04 1.56 -4.05
N LEU A 19 -2.69 2.73 -4.59
CA LEU A 19 -2.50 3.92 -3.78
C LEU A 19 -2.95 5.16 -4.54
N TYR A 20 -3.10 6.27 -3.80
CA TYR A 20 -3.54 7.54 -4.40
C TYR A 20 -3.08 8.71 -3.53
N ILE A 21 -1.88 9.21 -3.82
CA ILE A 21 -1.31 10.31 -3.06
C ILE A 21 -1.92 11.65 -3.48
N GLN A 22 -1.76 12.65 -2.63
CA GLN A 22 -2.28 14.00 -2.91
C GLN A 22 -1.28 15.04 -2.42
N PRO A 23 -1.46 16.28 -2.79
CA PRO A 23 -0.56 17.39 -2.38
C PRO A 23 -0.78 17.77 -0.91
N LYS A 24 -0.68 19.06 -0.59
CA LYS A 24 -0.85 19.54 0.78
C LYS A 24 -2.31 19.35 1.22
N ALA A 25 -2.81 18.15 1.03
CA ALA A 25 -4.19 17.82 1.37
C ALA A 25 -4.36 17.63 2.88
N SER A 26 -4.78 16.42 3.29
CA SER A 26 -5.01 16.12 4.70
C SER A 26 -3.70 16.11 5.49
N ARG A 27 -2.58 16.26 4.78
CA ARG A 27 -1.26 16.27 5.42
C ARG A 27 -0.93 14.87 5.93
N ASP A 28 -1.70 14.39 6.89
CA ASP A 28 -1.49 13.06 7.45
C ASP A 28 -1.79 11.98 6.40
N SER A 29 -0.94 10.95 6.37
CA SER A 29 -1.12 9.86 5.41
C SER A 29 -2.33 9.00 5.78
N ILE A 30 -2.67 8.06 4.89
CA ILE A 30 -3.81 7.15 5.08
C ILE A 30 -4.98 7.86 5.75
N VAL A 31 -5.91 8.35 4.94
CA VAL A 31 -7.08 9.06 5.46
C VAL A 31 -8.31 8.15 5.48
N GLY A 32 -8.49 7.35 4.43
CA GLY A 32 -9.65 6.47 4.35
C GLY A 32 -9.41 5.30 3.40
N LEU A 33 -8.49 4.42 3.76
CA LEU A 33 -8.19 3.26 2.93
C LEU A 33 -9.45 2.40 2.76
N HIS A 34 -9.75 2.04 1.52
CA HIS A 34 -10.94 1.24 1.24
C HIS A 34 -10.65 0.18 0.18
N GLY A 35 -11.63 -0.70 -0.05
CA GLY A 35 -11.48 -1.76 -1.04
C GLY A 35 -11.41 -1.21 -2.46
N ASP A 36 -11.77 0.06 -2.63
CA ASP A 36 -11.73 0.68 -3.95
C ASP A 36 -10.33 1.24 -4.23
N GLU A 37 -10.01 2.39 -3.65
CA GLU A 37 -8.71 3.02 -3.84
C GLU A 37 -8.25 3.63 -2.53
N VAL A 38 -7.01 3.33 -2.14
CA VAL A 38 -6.47 3.86 -0.89
C VAL A 38 -5.79 5.21 -1.14
N LYS A 39 -6.47 6.28 -0.76
CA LYS A 39 -5.91 7.62 -0.93
C LYS A 39 -4.83 7.87 0.12
N VAL A 40 -3.99 8.88 -0.12
CA VAL A 40 -2.92 9.21 0.81
C VAL A 40 -2.52 10.68 0.65
N ALA A 41 -1.92 11.23 1.70
CA ALA A 41 -1.49 12.62 1.67
C ALA A 41 -0.21 12.79 2.48
N ILE A 42 0.74 13.50 1.88
CA ILE A 42 2.03 13.74 2.53
C ILE A 42 2.51 15.15 2.21
N THR A 43 1.78 15.83 1.32
CA THR A 43 2.10 17.20 0.90
C THR A 43 3.34 17.21 0.00
N ALA A 44 4.10 16.11 0.02
CA ALA A 44 5.30 16.01 -0.80
C ALA A 44 4.97 15.51 -2.20
N PRO A 45 5.41 16.21 -3.21
CA PRO A 45 5.17 15.81 -4.62
C PRO A 45 5.72 14.40 -4.90
N PRO A 46 5.59 13.92 -6.12
CA PRO A 46 6.07 12.57 -6.50
C PRO A 46 7.59 12.51 -6.65
N VAL A 47 8.29 13.42 -5.99
CA VAL A 47 9.75 13.45 -6.07
C VAL A 47 10.33 12.14 -5.53
N ASP A 48 10.90 11.33 -6.42
CA ASP A 48 11.48 10.05 -6.02
C ASP A 48 12.42 10.24 -4.83
N GLY A 49 12.81 11.49 -4.57
CA GLY A 49 13.70 11.81 -3.46
C GLY A 49 12.94 11.90 -2.13
N GLN A 50 11.84 12.67 -2.12
CA GLN A 50 11.04 12.85 -0.90
C GLN A 50 9.79 11.98 -0.93
N ALA A 51 9.21 11.80 -2.11
CA ALA A 51 7.99 11.00 -2.25
C ALA A 51 8.24 9.55 -1.83
N ASN A 52 9.14 8.88 -2.53
CA ASN A 52 9.45 7.47 -2.24
C ASN A 52 9.96 7.31 -0.81
N SER A 53 10.73 8.28 -0.33
CA SER A 53 11.28 8.21 1.01
C SER A 53 10.16 8.01 2.04
N HIS A 54 9.36 9.05 2.26
CA HIS A 54 8.26 8.97 3.21
C HIS A 54 7.40 7.74 2.90
N LEU A 55 7.07 7.57 1.63
CA LEU A 55 6.27 6.43 1.19
C LEU A 55 6.76 5.14 1.85
N VAL A 56 8.03 4.82 1.61
CA VAL A 56 8.62 3.61 2.17
C VAL A 56 8.64 3.65 3.70
N LYS A 57 9.21 4.72 4.26
CA LYS A 57 9.29 4.86 5.71
C LYS A 57 7.93 4.64 6.35
N PHE A 58 6.91 5.30 5.82
CA PHE A 58 5.56 5.18 6.34
C PHE A 58 5.17 3.71 6.46
N LEU A 59 5.09 3.04 5.31
CA LEU A 59 4.73 1.63 5.27
C LEU A 59 5.73 0.83 6.08
N GLY A 60 6.97 1.30 6.12
CA GLY A 60 8.03 0.62 6.85
C GLY A 60 7.60 0.36 8.29
N LYS A 61 7.41 1.45 9.05
CA LYS A 61 7.00 1.32 10.45
C LYS A 61 5.59 0.75 10.55
N GLN A 62 4.73 1.13 9.62
CA GLN A 62 3.35 0.66 9.61
C GLN A 62 3.29 -0.87 9.60
N PHE A 63 3.84 -1.47 8.56
CA PHE A 63 3.83 -2.93 8.43
C PHE A 63 5.11 -3.54 8.99
N ARG A 64 5.91 -2.72 9.66
CA ARG A 64 7.17 -3.17 10.24
C ARG A 64 7.92 -4.10 9.29
N VAL A 65 8.41 -3.55 8.18
CA VAL A 65 9.14 -4.33 7.19
C VAL A 65 10.28 -3.52 6.59
N ALA A 66 11.37 -4.21 6.24
CA ALA A 66 12.53 -3.56 5.64
C ALA A 66 12.15 -2.97 4.27
N LYS A 67 13.03 -2.15 3.71
CA LYS A 67 12.78 -1.54 2.42
C LYS A 67 12.83 -2.58 1.30
N SER A 68 13.68 -3.59 1.47
CA SER A 68 13.82 -4.66 0.49
C SER A 68 12.51 -5.42 0.33
N GLN A 69 11.50 -5.02 1.09
CA GLN A 69 10.19 -5.66 1.04
C GLN A 69 9.20 -4.79 0.28
N VAL A 70 9.45 -3.48 0.30
CA VAL A 70 8.58 -2.54 -0.41
C VAL A 70 9.11 -2.28 -1.82
N VAL A 71 8.27 -2.54 -2.82
CA VAL A 71 8.67 -2.35 -4.21
C VAL A 71 7.52 -1.76 -5.03
N ILE A 72 7.79 -0.67 -5.74
CA ILE A 72 6.77 -0.05 -6.58
C ILE A 72 6.60 -0.84 -7.87
N GLU A 73 5.35 -1.20 -8.18
CA GLU A 73 5.09 -1.95 -9.41
C GLU A 73 4.82 -1.02 -10.57
N LYS A 74 3.87 -0.11 -10.38
CA LYS A 74 3.51 0.84 -11.43
C LYS A 74 2.86 2.09 -10.83
N GLY A 75 2.29 2.92 -11.70
CA GLY A 75 1.64 4.15 -11.27
C GLY A 75 2.67 5.23 -10.96
N GLU A 76 3.84 5.12 -11.59
CA GLU A 76 4.92 6.09 -11.38
C GLU A 76 4.43 7.54 -11.56
N LEU A 77 3.22 7.70 -12.11
CA LEU A 77 2.66 9.03 -12.35
C LEU A 77 1.98 9.58 -11.08
N GLY A 78 2.69 9.53 -9.96
CA GLY A 78 2.15 10.02 -8.69
C GLY A 78 0.75 9.50 -8.42
N ARG A 79 0.07 10.07 -7.42
CA ARG A 79 -1.28 9.66 -7.06
C ARG A 79 -1.45 8.15 -7.23
N HIS A 80 -1.85 7.73 -8.43
CA HIS A 80 -2.01 6.32 -8.73
C HIS A 80 -0.67 5.62 -8.56
N LYS A 81 -0.56 4.76 -7.56
CA LYS A 81 0.69 4.05 -7.32
C LYS A 81 0.42 2.61 -6.90
N GLN A 82 1.21 1.70 -7.46
CA GLN A 82 1.06 0.27 -7.15
C GLN A 82 2.28 -0.20 -6.35
N ILE A 83 2.03 -0.99 -5.32
CA ILE A 83 3.11 -1.51 -4.47
C ILE A 83 2.87 -2.99 -4.16
N LYS A 84 3.93 -3.67 -3.73
CA LYS A 84 3.83 -5.10 -3.42
C LYS A 84 4.58 -5.41 -2.13
N ILE A 85 3.85 -5.94 -1.14
CA ILE A 85 4.45 -6.26 0.15
C ILE A 85 5.01 -7.67 0.15
N ILE A 86 6.34 -7.77 0.13
CA ILE A 86 7.01 -9.07 0.14
C ILE A 86 7.26 -9.53 1.57
N ASN A 87 7.06 -10.82 1.81
CA ASN A 87 7.27 -11.42 3.13
C ASN A 87 6.83 -10.47 4.25
N PRO A 88 5.56 -10.48 4.59
CA PRO A 88 5.03 -9.62 5.68
C PRO A 88 5.53 -10.06 7.04
N GLN A 89 5.08 -9.37 8.10
CA GLN A 89 5.51 -9.71 9.46
C GLN A 89 4.50 -9.19 10.47
N GLN A 90 4.12 -7.93 10.32
CA GLN A 90 3.17 -7.31 11.23
C GLN A 90 1.84 -7.04 10.53
N ILE A 91 0.86 -6.58 11.30
CA ILE A 91 -0.47 -6.28 10.77
C ILE A 91 -1.13 -5.19 11.60
N PRO A 92 -1.57 -4.12 10.99
CA PRO A 92 -2.25 -3.00 11.71
C PRO A 92 -3.40 -3.50 12.60
N PRO A 93 -4.06 -2.61 13.29
CA PRO A 93 -5.19 -2.97 14.21
C PRO A 93 -6.46 -3.38 13.46
N GLU A 94 -6.88 -2.55 12.51
CA GLU A 94 -8.09 -2.84 11.74
C GLU A 94 -8.06 -4.26 11.16
N VAL A 95 -7.02 -4.55 10.39
CA VAL A 95 -6.88 -5.88 9.78
C VAL A 95 -6.52 -6.95 10.80
N ALA A 96 -6.09 -6.53 12.00
CA ALA A 96 -5.74 -7.49 13.04
C ALA A 96 -6.84 -8.53 13.25
N ALA A 97 -7.95 -8.08 13.82
CA ALA A 97 -9.08 -8.99 14.06
C ALA A 97 -9.38 -9.79 12.81
N LEU A 98 -9.80 -9.08 11.77
CA LEU A 98 -10.11 -9.70 10.50
C LEU A 98 -10.15 -8.64 9.39
N ILE A 99 -11.33 -8.37 8.81
CA ILE A 99 -11.48 -7.38 7.74
C ILE A 99 -10.27 -7.39 6.79
N ASN A 100 -9.58 -8.53 6.77
CA ASN A 100 -8.42 -8.68 5.90
C ASN A 100 -8.86 -8.91 4.46
N LEU A 101 -10.17 -9.11 4.28
CA LEU A 101 -10.73 -9.34 2.95
C LEU A 101 -10.23 -10.66 2.40
N GLU A 102 -10.79 -11.76 2.92
CA GLU A 102 -10.39 -13.10 2.48
C GLU A 102 -8.89 -13.29 2.67
N HIS A 103 -8.17 -13.47 1.55
CA HIS A 103 -6.71 -13.65 1.60
C HIS A 103 -6.30 -14.52 2.79
N HIS A 104 -6.39 -15.83 2.61
CA HIS A 104 -6.03 -16.79 3.66
C HIS A 104 -4.68 -16.40 4.29
N HIS A 105 -4.46 -16.86 5.52
CA HIS A 105 -3.22 -16.58 6.22
C HIS A 105 -2.52 -17.89 6.60
N HIS A 106 -3.10 -18.60 7.56
CA HIS A 106 -2.53 -19.87 8.01
C HIS A 106 -2.76 -20.96 6.96
N HIS A 107 -1.76 -21.81 6.76
CA HIS A 107 -1.86 -22.89 5.79
C HIS A 107 -2.91 -23.91 6.22
N HIS A 108 -3.72 -24.36 5.27
CA HIS A 108 -4.76 -25.34 5.55
C HIS A 108 -4.20 -26.76 5.40
N MET A 1 -17.46 -5.28 -17.56
CA MET A 1 -17.03 -6.71 -17.62
C MET A 1 -15.52 -6.81 -17.40
N ASP A 2 -14.83 -5.67 -17.41
CA ASP A 2 -13.38 -5.66 -17.22
C ASP A 2 -13.02 -6.25 -15.86
N GLY A 3 -12.40 -7.43 -15.88
CA GLY A 3 -12.01 -8.09 -14.64
C GLY A 3 -10.89 -7.32 -13.94
N VAL A 4 -11.26 -6.21 -13.31
CA VAL A 4 -10.29 -5.38 -12.60
C VAL A 4 -10.21 -5.77 -11.13
N MET A 5 -11.18 -6.58 -10.68
CA MET A 5 -11.20 -7.03 -9.29
C MET A 5 -11.08 -5.85 -8.34
N SER A 6 -10.78 -6.15 -7.08
CA SER A 6 -10.62 -5.10 -6.08
C SER A 6 -9.22 -4.51 -6.16
N ALA A 7 -9.10 -3.22 -5.81
CA ALA A 7 -7.81 -2.56 -5.84
C ALA A 7 -6.81 -3.38 -5.04
N VAL A 8 -7.35 -4.17 -4.12
CA VAL A 8 -6.54 -5.01 -3.28
C VAL A 8 -6.35 -6.39 -3.92
N THR A 9 -5.15 -6.65 -4.42
CA THR A 9 -4.86 -7.93 -5.06
C THR A 9 -3.79 -8.69 -4.28
N VAL A 10 -4.04 -9.97 -4.02
CA VAL A 10 -3.09 -10.79 -3.28
C VAL A 10 -1.96 -11.26 -4.18
N ASN A 11 -0.86 -11.68 -3.56
CA ASN A 11 0.30 -12.16 -4.31
C ASN A 11 1.00 -13.28 -3.54
N ASP A 12 2.11 -13.76 -4.09
CA ASP A 12 2.87 -14.85 -3.45
C ASP A 12 3.17 -14.51 -1.99
N ASP A 13 3.87 -13.41 -1.77
CA ASP A 13 4.23 -12.98 -0.42
C ASP A 13 4.02 -11.48 -0.27
N GLY A 14 2.81 -11.02 -0.59
CA GLY A 14 2.48 -9.60 -0.50
C GLY A 14 1.14 -9.30 -1.15
N LEU A 15 0.81 -8.02 -1.27
CA LEU A 15 -0.46 -7.61 -1.87
C LEU A 15 -0.32 -6.24 -2.53
N VAL A 16 -0.92 -6.11 -3.72
CA VAL A 16 -0.89 -4.86 -4.47
C VAL A 16 -2.00 -3.93 -4.00
N LEU A 17 -1.75 -2.63 -4.01
CA LEU A 17 -2.74 -1.66 -3.57
C LEU A 17 -2.61 -0.34 -4.33
N ARG A 18 -3.75 0.21 -4.75
CA ARG A 18 -3.78 1.48 -5.48
C ARG A 18 -3.73 2.65 -4.51
N LEU A 19 -3.42 3.83 -5.02
CA LEU A 19 -3.33 5.03 -4.18
C LEU A 19 -3.79 6.28 -4.93
N TYR A 20 -3.86 7.38 -4.19
CA TYR A 20 -4.27 8.67 -4.75
C TYR A 20 -3.69 9.78 -3.87
N ILE A 21 -2.50 10.25 -4.22
CA ILE A 21 -1.82 11.28 -3.46
C ILE A 21 -2.42 12.66 -3.73
N GLN A 22 -2.28 13.55 -2.74
CA GLN A 22 -2.79 14.92 -2.86
C GLN A 22 -1.83 15.88 -2.14
N PRO A 23 -0.93 16.48 -2.87
CA PRO A 23 0.06 17.44 -2.29
C PRO A 23 -0.58 18.75 -1.82
N LYS A 24 0.08 19.42 -0.89
CA LYS A 24 -0.41 20.69 -0.36
C LYS A 24 -1.89 20.57 0.04
N ALA A 25 -2.20 19.60 0.89
CA ALA A 25 -3.59 19.40 1.32
C ALA A 25 -3.66 18.45 2.51
N SER A 26 -4.73 18.60 3.30
CA SER A 26 -4.97 17.77 4.47
C SER A 26 -3.71 17.60 5.33
N ARG A 27 -2.72 18.47 5.11
CA ARG A 27 -1.47 18.42 5.87
C ARG A 27 -1.01 16.99 6.13
N ASP A 28 -1.49 16.41 7.24
CA ASP A 28 -1.11 15.05 7.63
C ASP A 28 -1.63 14.01 6.62
N SER A 29 -0.90 12.91 6.51
CA SER A 29 -1.27 11.82 5.60
C SER A 29 -2.51 11.08 6.11
N ILE A 30 -3.02 10.17 5.28
CA ILE A 30 -4.21 9.39 5.63
C ILE A 30 -5.40 10.32 5.83
N VAL A 31 -6.19 10.49 4.78
CA VAL A 31 -7.37 11.36 4.83
C VAL A 31 -8.66 10.59 4.63
N GLY A 32 -8.67 9.67 3.66
CA GLY A 32 -9.87 8.89 3.38
C GLY A 32 -9.54 7.55 2.74
N LEU A 33 -8.90 6.67 3.51
CA LEU A 33 -8.54 5.34 3.02
C LEU A 33 -9.79 4.53 2.70
N HIS A 34 -10.51 4.93 1.64
CA HIS A 34 -11.73 4.24 1.24
C HIS A 34 -11.82 4.15 -0.28
N GLY A 35 -12.84 3.44 -0.77
CA GLY A 35 -13.02 3.28 -2.21
C GLY A 35 -11.99 2.32 -2.80
N ASP A 36 -11.79 2.41 -4.11
CA ASP A 36 -10.82 1.55 -4.80
C ASP A 36 -9.43 2.18 -4.80
N GLU A 37 -9.23 3.19 -3.95
CA GLU A 37 -7.93 3.86 -3.86
C GLU A 37 -7.78 4.50 -2.49
N VAL A 38 -6.58 4.38 -1.91
CA VAL A 38 -6.32 4.96 -0.61
C VAL A 38 -5.84 6.40 -0.74
N LYS A 39 -6.57 7.31 -0.09
CA LYS A 39 -6.21 8.72 -0.14
C LYS A 39 -4.99 8.99 0.75
N VAL A 40 -4.08 9.82 0.26
CA VAL A 40 -2.87 10.15 1.00
C VAL A 40 -2.38 11.54 0.60
N ALA A 41 -2.86 12.55 1.32
CA ALA A 41 -2.48 13.93 1.04
C ALA A 41 -1.31 14.33 1.92
N ILE A 42 -0.44 15.18 1.39
CA ILE A 42 0.70 15.64 2.16
C ILE A 42 0.94 17.12 1.90
N THR A 43 1.47 17.82 2.89
CA THR A 43 1.74 19.24 2.75
C THR A 43 2.98 19.49 1.88
N ALA A 44 3.63 18.40 1.47
CA ALA A 44 4.83 18.52 0.63
C ALA A 44 4.47 18.41 -0.85
N PRO A 45 5.14 19.16 -1.69
CA PRO A 45 4.89 19.15 -3.16
C PRO A 45 4.98 17.74 -3.76
N PRO A 46 4.76 17.61 -5.05
CA PRO A 46 4.81 16.30 -5.77
C PRO A 46 6.24 15.87 -6.08
N VAL A 47 7.20 16.72 -5.70
CA VAL A 47 8.61 16.43 -5.94
C VAL A 47 9.01 15.09 -5.31
N ASP A 48 9.42 14.14 -6.14
CA ASP A 48 9.84 12.82 -5.65
C ASP A 48 10.85 12.96 -4.52
N GLY A 49 11.71 13.97 -4.62
CA GLY A 49 12.73 14.21 -3.60
C GLY A 49 12.13 14.28 -2.20
N GLN A 50 11.02 15.02 -2.07
CA GLN A 50 10.37 15.17 -0.77
C GLN A 50 9.06 14.38 -0.72
N ALA A 51 8.30 14.46 -1.81
CA ALA A 51 7.02 13.76 -1.92
C ALA A 51 7.19 12.24 -1.78
N ASN A 52 7.95 11.65 -2.70
CA ASN A 52 8.18 10.21 -2.66
C ASN A 52 8.98 9.81 -1.43
N SER A 53 9.80 10.74 -0.93
CA SER A 53 10.61 10.47 0.25
C SER A 53 9.71 10.07 1.42
N HIS A 54 8.96 11.05 1.94
CA HIS A 54 8.05 10.79 3.05
C HIS A 54 7.13 9.61 2.73
N LEU A 55 6.65 9.57 1.49
CA LEU A 55 5.75 8.50 1.05
C LEU A 55 6.22 7.14 1.55
N VAL A 56 7.42 6.73 1.13
CA VAL A 56 7.97 5.44 1.54
C VAL A 56 8.16 5.36 3.05
N LYS A 57 8.92 6.31 3.59
CA LYS A 57 9.19 6.34 5.04
C LYS A 57 7.88 6.31 5.83
N PHE A 58 6.94 7.15 5.42
CA PHE A 58 5.64 7.23 6.08
C PHE A 58 4.97 5.86 6.12
N LEU A 59 4.63 5.34 4.94
CA LEU A 59 3.99 4.02 4.87
C LEU A 59 4.89 2.97 5.51
N GLY A 60 6.18 3.31 5.63
CA GLY A 60 7.14 2.41 6.23
C GLY A 60 6.82 2.18 7.70
N LYS A 61 6.68 3.26 8.46
CA LYS A 61 6.37 3.15 9.88
C LYS A 61 4.96 2.60 10.09
N GLN A 62 4.00 3.14 9.32
CA GLN A 62 2.60 2.72 9.43
C GLN A 62 2.45 1.22 9.21
N PHE A 63 2.97 0.73 8.09
CA PHE A 63 2.86 -0.69 7.75
C PHE A 63 4.12 -1.46 8.18
N ARG A 64 5.05 -0.77 8.83
CA ARG A 64 6.29 -1.40 9.28
C ARG A 64 7.06 -2.01 8.10
N VAL A 65 7.20 -1.22 7.02
CA VAL A 65 7.91 -1.67 5.83
C VAL A 65 8.89 -0.60 5.36
N ALA A 66 9.44 -0.76 4.17
CA ALA A 66 10.39 0.20 3.62
C ALA A 66 10.75 -0.16 2.18
N LYS A 67 11.68 0.58 1.58
CA LYS A 67 12.10 0.32 0.20
C LYS A 67 12.37 -1.16 -0.04
N SER A 68 12.97 -1.81 0.96
CA SER A 68 13.29 -3.24 0.84
C SER A 68 12.02 -4.07 0.65
N GLN A 69 10.87 -3.41 0.70
CA GLN A 69 9.59 -4.09 0.55
C GLN A 69 8.61 -3.25 -0.27
N VAL A 70 8.77 -1.93 -0.22
CA VAL A 70 7.91 -1.02 -0.97
C VAL A 70 8.48 -0.78 -2.36
N VAL A 71 7.67 -1.03 -3.38
CA VAL A 71 8.11 -0.83 -4.76
C VAL A 71 6.99 -0.19 -5.60
N ILE A 72 7.28 0.97 -6.15
CA ILE A 72 6.30 1.69 -6.97
C ILE A 72 6.20 1.04 -8.36
N GLU A 73 4.99 0.64 -8.73
CA GLU A 73 4.76 0.02 -10.03
C GLU A 73 4.41 1.08 -11.07
N LYS A 74 3.63 2.08 -10.65
CA LYS A 74 3.24 3.17 -11.53
C LYS A 74 2.79 4.38 -10.73
N GLY A 75 2.53 5.47 -11.44
CA GLY A 75 2.09 6.69 -10.79
C GLY A 75 3.16 7.77 -10.89
N GLU A 76 4.03 7.64 -11.88
CA GLU A 76 5.10 8.61 -12.07
C GLU A 76 4.50 10.01 -12.23
N LEU A 77 3.20 10.07 -12.56
CA LEU A 77 2.51 11.34 -12.73
C LEU A 77 1.88 11.81 -11.42
N GLY A 78 2.04 11.02 -10.36
CA GLY A 78 1.50 11.37 -9.06
C GLY A 78 0.05 10.91 -8.90
N ARG A 79 -0.54 11.22 -7.74
CA ARG A 79 -1.92 10.84 -7.45
C ARG A 79 -2.15 9.35 -7.72
N HIS A 80 -2.52 9.03 -8.95
CA HIS A 80 -2.76 7.63 -9.32
C HIS A 80 -1.45 6.86 -9.15
N LYS A 81 -1.38 6.04 -8.11
CA LYS A 81 -0.16 5.29 -7.85
C LYS A 81 -0.43 3.89 -7.31
N GLN A 82 0.37 2.93 -7.76
CA GLN A 82 0.23 1.55 -7.31
C GLN A 82 1.53 1.11 -6.65
N ILE A 83 1.43 0.27 -5.61
CA ILE A 83 2.61 -0.18 -4.89
C ILE A 83 2.45 -1.63 -4.43
N LYS A 84 3.54 -2.40 -4.55
CA LYS A 84 3.53 -3.80 -4.15
C LYS A 84 4.07 -3.93 -2.73
N ILE A 85 3.24 -4.39 -1.81
CA ILE A 85 3.64 -4.54 -0.41
C ILE A 85 4.18 -5.95 -0.15
N ILE A 86 5.49 -6.12 -0.28
CA ILE A 86 6.12 -7.42 -0.02
C ILE A 86 6.39 -7.54 1.48
N ASN A 87 6.26 -8.76 2.01
CA ASN A 87 6.50 -8.98 3.44
C ASN A 87 5.84 -7.87 4.26
N PRO A 88 4.56 -8.00 4.54
CA PRO A 88 3.80 -6.98 5.30
C PRO A 88 4.23 -6.85 6.76
N GLN A 89 3.74 -7.74 7.62
CA GLN A 89 4.07 -7.70 9.04
C GLN A 89 3.62 -6.37 9.66
N GLN A 90 2.75 -5.68 8.92
CA GLN A 90 2.21 -4.38 9.35
C GLN A 90 1.32 -4.51 10.59
N ILE A 91 0.49 -3.48 10.81
CA ILE A 91 -0.41 -3.45 11.97
C ILE A 91 -1.73 -4.17 11.68
N PRO A 92 -2.51 -3.68 10.72
CA PRO A 92 -3.83 -4.29 10.37
C PRO A 92 -3.80 -5.81 10.40
N PRO A 93 -4.26 -6.40 11.49
CA PRO A 93 -4.27 -7.87 11.65
C PRO A 93 -5.32 -8.53 10.76
N GLU A 94 -6.50 -7.93 10.69
CA GLU A 94 -7.58 -8.49 9.86
C GLU A 94 -7.04 -8.86 8.49
N VAL A 95 -6.18 -8.00 7.94
CA VAL A 95 -5.58 -8.24 6.63
C VAL A 95 -4.51 -9.32 6.73
N ALA A 96 -3.45 -9.02 7.48
CA ALA A 96 -2.33 -9.96 7.66
C ALA A 96 -2.84 -11.32 8.13
N ALA A 97 -3.97 -11.32 8.84
CA ALA A 97 -4.55 -12.55 9.36
C ALA A 97 -5.25 -13.32 8.26
N LEU A 98 -4.66 -13.31 7.07
CA LEU A 98 -5.20 -14.04 5.94
C LEU A 98 -4.88 -15.50 6.15
N ILE A 99 -5.52 -16.08 7.16
CA ILE A 99 -5.28 -17.46 7.54
C ILE A 99 -6.49 -18.04 8.28
N ASN A 100 -7.39 -18.66 7.54
CA ASN A 100 -8.58 -19.27 8.13
C ASN A 100 -8.18 -20.52 8.92
N LEU A 101 -6.87 -20.73 9.06
CA LEU A 101 -6.34 -21.88 9.78
C LEU A 101 -6.33 -23.12 8.88
N GLU A 102 -5.31 -23.21 8.05
CA GLU A 102 -5.16 -24.33 7.12
C GLU A 102 -3.82 -25.02 7.36
N HIS A 103 -2.74 -24.23 7.32
CA HIS A 103 -1.39 -24.76 7.54
C HIS A 103 -1.09 -25.92 6.58
N HIS A 104 0.14 -26.39 6.61
CA HIS A 104 0.54 -27.50 5.72
C HIS A 104 -0.20 -28.78 6.09
N HIS A 105 -0.27 -29.70 5.13
CA HIS A 105 -0.95 -30.98 5.35
C HIS A 105 -0.57 -31.58 6.69
N HIS A 106 -1.54 -31.64 7.61
CA HIS A 106 -1.30 -32.19 8.95
C HIS A 106 -2.61 -32.54 9.64
N HIS A 107 -3.61 -32.90 8.84
CA HIS A 107 -4.92 -33.27 9.39
C HIS A 107 -4.83 -34.61 10.14
N HIS A 108 -3.61 -35.09 10.33
CA HIS A 108 -3.38 -36.36 11.02
C HIS A 108 -3.07 -36.11 12.50
N MET A 1 -7.13 0.31 -16.73
CA MET A 1 -8.32 -0.43 -17.23
C MET A 1 -8.24 -1.88 -16.77
N ASP A 2 -9.38 -2.58 -16.83
CA ASP A 2 -9.44 -3.98 -16.41
C ASP A 2 -8.99 -4.14 -14.96
N GLY A 3 -9.03 -3.05 -14.21
CA GLY A 3 -8.63 -3.08 -12.80
C GLY A 3 -9.83 -3.39 -11.91
N VAL A 4 -11.01 -3.43 -12.53
CA VAL A 4 -12.25 -3.73 -11.81
C VAL A 4 -12.26 -3.05 -10.44
N MET A 5 -12.21 -3.86 -9.38
CA MET A 5 -12.20 -3.34 -8.02
C MET A 5 -11.15 -4.06 -7.18
N SER A 6 -10.31 -4.84 -7.85
CA SER A 6 -9.26 -5.58 -7.17
C SER A 6 -8.07 -4.67 -6.87
N ALA A 7 -7.02 -5.25 -6.28
CA ALA A 7 -5.81 -4.49 -5.95
C ALA A 7 -4.97 -5.28 -4.92
N VAL A 8 -5.03 -6.60 -5.01
CA VAL A 8 -4.27 -7.45 -4.09
C VAL A 8 -3.94 -8.78 -4.76
N THR A 9 -2.69 -9.19 -4.68
CA THR A 9 -2.25 -10.44 -5.30
C THR A 9 -1.24 -11.16 -4.42
N VAL A 10 -1.65 -12.29 -3.85
CA VAL A 10 -0.77 -13.08 -3.00
C VAL A 10 0.17 -13.94 -3.85
N ASN A 11 1.29 -14.33 -3.27
CA ASN A 11 2.27 -15.15 -3.99
C ASN A 11 2.94 -16.15 -3.04
N ASP A 12 3.97 -16.82 -3.53
CA ASP A 12 4.70 -17.80 -2.73
C ASP A 12 5.18 -17.19 -1.42
N ASP A 13 5.95 -16.11 -1.51
CA ASP A 13 6.48 -15.46 -0.31
C ASP A 13 6.37 -13.93 -0.43
N GLY A 14 5.22 -13.45 -0.89
CA GLY A 14 5.02 -12.00 -1.04
C GLY A 14 3.61 -11.69 -1.50
N LEU A 15 3.25 -10.41 -1.45
CA LEU A 15 1.91 -9.99 -1.86
C LEU A 15 1.96 -8.61 -2.52
N VAL A 16 1.23 -8.46 -3.63
CA VAL A 16 1.20 -7.20 -4.36
C VAL A 16 0.12 -6.29 -3.78
N LEU A 17 0.41 -5.00 -3.72
CA LEU A 17 -0.55 -4.03 -3.20
C LEU A 17 -0.39 -2.69 -3.89
N ARG A 18 -1.50 -2.18 -4.44
CA ARG A 18 -1.48 -0.90 -5.14
C ARG A 18 -1.58 0.26 -4.16
N LEU A 19 -1.23 1.46 -4.61
CA LEU A 19 -1.30 2.64 -3.75
C LEU A 19 -1.71 3.88 -4.53
N TYR A 20 -1.86 4.98 -3.81
CA TYR A 20 -2.26 6.25 -4.42
C TYR A 20 -1.80 7.39 -3.51
N ILE A 21 -0.55 7.81 -3.68
CA ILE A 21 0.02 8.87 -2.86
C ILE A 21 -0.64 10.21 -3.19
N GLN A 22 -0.86 11.01 -2.15
CA GLN A 22 -1.48 12.32 -2.31
C GLN A 22 -0.81 13.34 -1.38
N PRO A 23 0.19 14.03 -1.84
CA PRO A 23 0.90 15.04 -1.02
C PRO A 23 0.04 16.26 -0.71
N LYS A 24 0.66 17.43 -0.59
CA LYS A 24 -0.07 18.66 -0.28
C LYS A 24 -0.74 18.54 1.10
N ALA A 25 0.10 18.41 2.12
CA ALA A 25 -0.37 18.30 3.49
C ALA A 25 0.76 18.64 4.45
N SER A 26 0.88 17.90 5.56
CA SER A 26 1.93 18.17 6.53
C SER A 26 2.06 17.03 7.54
N ARG A 27 1.65 15.83 7.14
CA ARG A 27 1.73 14.69 8.03
C ARG A 27 1.60 13.37 7.27
N ASP A 28 2.60 12.50 7.43
CA ASP A 28 2.59 11.20 6.77
C ASP A 28 1.50 10.34 7.37
N SER A 29 0.28 10.45 6.83
CA SER A 29 -0.84 9.68 7.37
C SER A 29 -1.67 9.04 6.26
N ILE A 30 -2.19 7.85 6.57
CA ILE A 30 -3.02 7.10 5.64
C ILE A 30 -4.43 7.67 5.62
N VAL A 31 -4.95 7.93 4.42
CA VAL A 31 -6.29 8.49 4.27
C VAL A 31 -7.34 7.38 4.13
N GLY A 32 -6.97 6.27 3.48
CA GLY A 32 -7.90 5.18 3.28
C GLY A 32 -7.18 3.84 3.16
N LEU A 33 -6.56 3.40 4.26
CA LEU A 33 -5.85 2.13 4.28
C LEU A 33 -6.82 0.97 4.08
N HIS A 34 -7.32 0.81 2.85
CA HIS A 34 -8.24 -0.27 2.53
C HIS A 34 -7.93 -0.87 1.16
N GLY A 35 -8.65 -1.94 0.83
CA GLY A 35 -8.45 -2.62 -0.46
C GLY A 35 -8.83 -1.69 -1.62
N ASP A 36 -8.85 -2.24 -2.83
CA ASP A 36 -9.19 -1.46 -4.02
C ASP A 36 -8.07 -0.48 -4.37
N GLU A 37 -7.60 0.25 -3.36
CA GLU A 37 -6.53 1.24 -3.55
C GLU A 37 -6.18 1.90 -2.21
N VAL A 38 -4.93 1.73 -1.77
CA VAL A 38 -4.48 2.31 -0.51
C VAL A 38 -3.93 3.72 -0.73
N LYS A 39 -4.72 4.73 -0.39
CA LYS A 39 -4.30 6.11 -0.54
C LYS A 39 -3.35 6.51 0.60
N VAL A 40 -2.59 7.58 0.38
CA VAL A 40 -1.65 8.06 1.39
C VAL A 40 -1.40 9.55 1.17
N ALA A 41 -0.87 10.22 2.19
CA ALA A 41 -0.58 11.65 2.10
C ALA A 41 0.68 11.99 2.89
N ILE A 42 1.45 12.93 2.36
CA ILE A 42 2.70 13.34 3.01
C ILE A 42 2.90 14.85 2.85
N THR A 43 4.00 15.27 2.24
CA THR A 43 4.28 16.68 2.05
C THR A 43 5.41 16.87 1.04
N ALA A 44 6.37 15.95 1.05
CA ALA A 44 7.50 16.02 0.13
C ALA A 44 7.03 15.79 -1.31
N PRO A 45 7.89 16.00 -2.28
CA PRO A 45 7.56 15.82 -3.71
C PRO A 45 7.61 14.34 -4.11
N PRO A 46 7.35 14.05 -5.37
CA PRO A 46 7.38 12.65 -5.90
C PRO A 46 8.79 12.18 -6.19
N VAL A 47 9.76 13.09 -6.01
CA VAL A 47 11.16 12.78 -6.25
C VAL A 47 11.53 11.44 -5.63
N ASP A 48 11.64 10.41 -6.46
CA ASP A 48 11.98 9.07 -5.98
C ASP A 48 13.14 9.13 -4.98
N GLY A 49 13.90 10.22 -5.04
CA GLY A 49 15.04 10.40 -4.13
C GLY A 49 14.57 10.49 -2.68
N GLN A 50 13.95 11.61 -2.32
CA GLN A 50 13.47 11.82 -0.96
C GLN A 50 12.03 11.34 -0.78
N ALA A 51 11.27 11.30 -1.87
CA ALA A 51 9.88 10.87 -1.81
C ALA A 51 9.77 9.42 -1.33
N ASN A 52 10.39 8.51 -2.06
CA ASN A 52 10.35 7.09 -1.71
C ASN A 52 10.81 6.87 -0.27
N SER A 53 11.72 7.71 0.21
CA SER A 53 12.22 7.56 1.57
C SER A 53 11.06 7.57 2.56
N HIS A 54 10.41 8.72 2.70
CA HIS A 54 9.26 8.84 3.59
C HIS A 54 8.23 7.75 3.28
N LEU A 55 8.26 7.25 2.05
CA LEU A 55 7.33 6.21 1.62
C LEU A 55 7.72 4.85 2.20
N VAL A 56 8.96 4.41 1.91
CA VAL A 56 9.45 3.14 2.41
C VAL A 56 9.50 3.15 3.93
N LYS A 57 10.00 4.24 4.49
CA LYS A 57 10.10 4.37 5.94
C LYS A 57 8.72 4.15 6.57
N PHE A 58 7.71 4.87 6.07
CA PHE A 58 6.35 4.74 6.59
C PHE A 58 5.88 3.29 6.48
N LEU A 59 5.75 2.79 5.26
CA LEU A 59 5.32 1.41 5.03
C LEU A 59 6.26 0.44 5.74
N GLY A 60 7.44 0.92 6.08
CA GLY A 60 8.44 0.11 6.75
C GLY A 60 8.03 -0.20 8.19
N LYS A 61 7.66 0.85 8.94
CA LYS A 61 7.25 0.68 10.33
C LYS A 61 5.95 -0.10 10.43
N GLN A 62 4.97 0.28 9.61
CA GLN A 62 3.66 -0.37 9.62
C GLN A 62 3.79 -1.89 9.44
N PHE A 63 4.54 -2.29 8.42
CA PHE A 63 4.74 -3.72 8.15
C PHE A 63 6.04 -4.22 8.76
N ARG A 64 6.79 -3.31 9.38
CA ARG A 64 8.06 -3.66 10.01
C ARG A 64 9.02 -4.28 9.00
N VAL A 65 8.98 -3.78 7.76
CA VAL A 65 9.85 -4.28 6.71
C VAL A 65 10.89 -3.23 6.35
N ALA A 66 11.46 -3.32 5.14
CA ALA A 66 12.47 -2.37 4.69
C ALA A 66 12.84 -2.62 3.22
N LYS A 67 13.79 -1.83 2.71
CA LYS A 67 14.21 -1.96 1.32
C LYS A 67 14.50 -3.41 0.96
N SER A 68 15.07 -4.15 1.89
CA SER A 68 15.40 -5.56 1.66
C SER A 68 14.13 -6.38 1.37
N GLN A 69 12.99 -5.70 1.37
CA GLN A 69 11.71 -6.37 1.11
C GLN A 69 10.75 -5.48 0.30
N VAL A 70 10.96 -4.16 0.37
CA VAL A 70 10.10 -3.21 -0.35
C VAL A 70 10.65 -2.98 -1.76
N VAL A 71 9.82 -3.26 -2.77
CA VAL A 71 10.22 -3.07 -4.16
C VAL A 71 9.04 -2.61 -5.00
N ILE A 72 9.24 -1.49 -5.70
CA ILE A 72 8.20 -0.93 -6.57
C ILE A 72 8.11 -1.72 -7.87
N GLU A 73 6.88 -2.07 -8.26
CA GLU A 73 6.66 -2.83 -9.48
C GLU A 73 6.44 -1.90 -10.67
N LYS A 74 5.42 -1.05 -10.55
CA LYS A 74 5.08 -0.11 -11.62
C LYS A 74 4.34 1.09 -11.03
N GLY A 75 3.67 1.85 -11.89
CA GLY A 75 2.93 3.03 -11.44
C GLY A 75 3.89 4.10 -10.92
N GLU A 76 5.16 3.92 -11.25
CA GLU A 76 6.21 4.86 -10.83
C GLU A 76 5.83 6.32 -11.18
N LEU A 77 4.71 6.50 -11.86
CA LEU A 77 4.26 7.84 -12.26
C LEU A 77 3.51 8.57 -11.14
N GLY A 78 4.02 8.46 -9.92
CA GLY A 78 3.40 9.15 -8.77
C GLY A 78 2.03 8.56 -8.41
N ARG A 79 1.49 9.03 -7.29
CA ARG A 79 0.18 8.58 -6.79
C ARG A 79 -0.05 7.11 -7.07
N HIS A 80 -0.58 6.81 -8.25
CA HIS A 80 -0.83 5.42 -8.64
C HIS A 80 0.47 4.65 -8.67
N LYS A 81 0.75 3.91 -7.61
CA LYS A 81 2.00 3.15 -7.53
C LYS A 81 1.73 1.69 -7.18
N GLN A 82 2.60 0.80 -7.64
CA GLN A 82 2.47 -0.62 -7.37
C GLN A 82 3.69 -1.11 -6.59
N ILE A 83 3.45 -1.96 -5.59
CA ILE A 83 4.54 -2.48 -4.76
C ILE A 83 4.28 -3.91 -4.35
N LYS A 84 5.31 -4.57 -3.82
CA LYS A 84 5.19 -5.97 -3.38
C LYS A 84 6.00 -6.19 -2.10
N ILE A 85 5.31 -6.67 -1.07
CA ILE A 85 5.96 -6.94 0.21
C ILE A 85 6.49 -8.37 0.24
N ILE A 86 7.81 -8.51 0.18
CA ILE A 86 8.44 -9.83 0.21
C ILE A 86 8.66 -10.29 1.64
N ASN A 87 8.15 -11.48 1.97
CA ASN A 87 8.29 -12.05 3.31
C ASN A 87 8.10 -10.99 4.39
N PRO A 88 6.90 -10.78 4.84
CA PRO A 88 6.62 -9.77 5.90
C PRO A 88 7.17 -10.22 7.25
N GLN A 89 6.58 -9.71 8.33
CA GLN A 89 7.03 -10.07 9.68
C GLN A 89 5.89 -9.88 10.66
N GLN A 90 5.34 -8.67 10.69
CA GLN A 90 4.23 -8.36 11.58
C GLN A 90 3.14 -7.60 10.82
N ILE A 91 1.94 -7.59 11.39
CA ILE A 91 0.80 -6.91 10.78
C ILE A 91 -0.11 -6.36 11.87
N PRO A 92 -0.46 -5.10 11.81
CA PRO A 92 -1.35 -4.48 12.83
C PRO A 92 -2.67 -5.24 12.95
N PRO A 93 -3.19 -5.37 14.15
CA PRO A 93 -4.45 -6.10 14.39
C PRO A 93 -5.60 -5.55 13.55
N GLU A 94 -5.54 -4.25 13.23
CA GLU A 94 -6.58 -3.61 12.43
C GLU A 94 -6.85 -4.42 11.16
N VAL A 95 -5.78 -4.89 10.52
CA VAL A 95 -5.90 -5.66 9.30
C VAL A 95 -6.49 -7.04 9.56
N ALA A 96 -5.76 -7.87 10.31
CA ALA A 96 -6.23 -9.22 10.63
C ALA A 96 -7.62 -9.19 11.28
N ALA A 97 -7.98 -8.05 11.85
CA ALA A 97 -9.29 -7.89 12.50
C ALA A 97 -10.43 -7.90 11.48
N LEU A 98 -10.15 -8.41 10.28
CA LEU A 98 -11.18 -8.45 9.24
C LEU A 98 -12.11 -9.65 9.46
N ILE A 99 -11.81 -10.43 10.52
CA ILE A 99 -12.57 -11.63 10.93
C ILE A 99 -13.37 -12.28 9.79
N ASN A 100 -14.35 -11.56 9.31
CA ASN A 100 -15.21 -12.05 8.23
C ASN A 100 -14.45 -12.08 6.90
N LEU A 101 -13.23 -11.56 6.90
CA LEU A 101 -12.40 -11.52 5.68
C LEU A 101 -13.26 -11.24 4.45
N GLU A 102 -14.34 -10.49 4.65
CA GLU A 102 -15.26 -10.15 3.56
C GLU A 102 -14.54 -9.37 2.46
N HIS A 103 -15.13 -9.37 1.28
CA HIS A 103 -14.56 -8.66 0.13
C HIS A 103 -15.63 -8.44 -0.94
N HIS A 104 -16.51 -9.43 -1.10
CA HIS A 104 -17.57 -9.34 -2.09
C HIS A 104 -18.66 -10.35 -1.78
N HIS A 105 -18.24 -11.57 -1.44
CA HIS A 105 -19.18 -12.64 -1.12
C HIS A 105 -19.83 -12.40 0.24
N HIS A 106 -21.14 -12.19 0.25
CA HIS A 106 -21.88 -11.96 1.48
C HIS A 106 -22.29 -13.29 2.12
N HIS A 107 -21.79 -13.57 3.32
CA HIS A 107 -22.13 -14.80 4.03
C HIS A 107 -22.39 -14.52 5.51
N HIS A 108 -22.89 -13.32 5.78
CA HIS A 108 -23.21 -12.89 7.14
C HIS A 108 -24.02 -11.60 7.10
N MET A 1 -24.42 -8.05 -12.00
CA MET A 1 -23.93 -8.09 -10.59
C MET A 1 -22.64 -8.89 -10.52
N ASP A 2 -21.57 -8.25 -10.05
CA ASP A 2 -20.28 -8.91 -9.92
C ASP A 2 -20.10 -9.49 -8.52
N GLY A 3 -18.98 -9.18 -7.88
CA GLY A 3 -18.70 -9.67 -6.54
C GLY A 3 -17.20 -9.69 -6.27
N VAL A 4 -16.43 -9.97 -7.32
CA VAL A 4 -14.97 -10.02 -7.19
C VAL A 4 -14.37 -8.64 -7.45
N MET A 5 -13.71 -8.10 -6.42
CA MET A 5 -13.09 -6.78 -6.54
C MET A 5 -11.58 -6.92 -6.70
N SER A 6 -11.05 -6.45 -7.83
CA SER A 6 -9.62 -6.52 -8.09
C SER A 6 -8.88 -5.38 -7.38
N ALA A 7 -7.65 -5.65 -6.98
CA ALA A 7 -6.82 -4.66 -6.29
C ALA A 7 -5.74 -5.37 -5.47
N VAL A 8 -5.91 -6.68 -5.28
CA VAL A 8 -4.96 -7.47 -4.50
C VAL A 8 -4.93 -8.92 -4.99
N THR A 9 -3.75 -9.40 -5.34
CA THR A 9 -3.59 -10.77 -5.83
C THR A 9 -2.29 -11.37 -5.29
N VAL A 10 -2.40 -12.58 -4.73
CA VAL A 10 -1.23 -13.26 -4.19
C VAL A 10 -0.42 -13.91 -5.31
N ASN A 11 0.85 -14.16 -5.05
CA ASN A 11 1.73 -14.78 -6.04
C ASN A 11 2.69 -15.75 -5.35
N ASP A 12 3.17 -16.72 -6.13
CA ASP A 12 4.11 -17.73 -5.63
C ASP A 12 5.37 -17.10 -5.03
N ASP A 13 5.49 -15.77 -5.11
CA ASP A 13 6.68 -15.09 -4.58
C ASP A 13 6.30 -13.84 -3.78
N GLY A 14 5.16 -13.23 -4.13
CA GLY A 14 4.73 -12.03 -3.42
C GLY A 14 3.24 -11.77 -3.63
N LEU A 15 2.87 -10.49 -3.65
CA LEU A 15 1.46 -10.12 -3.84
C LEU A 15 1.37 -8.79 -4.60
N VAL A 16 0.62 -8.81 -5.70
CA VAL A 16 0.44 -7.61 -6.52
C VAL A 16 -0.73 -6.78 -6.01
N LEU A 17 -0.59 -5.46 -6.05
CA LEU A 17 -1.67 -4.58 -5.58
C LEU A 17 -1.68 -3.26 -6.37
N ARG A 18 -2.89 -2.81 -6.71
CA ARG A 18 -3.05 -1.55 -7.44
C ARG A 18 -3.14 -0.38 -6.48
N LEU A 19 -2.14 0.51 -6.54
CA LEU A 19 -2.09 1.69 -5.66
C LEU A 19 -2.68 2.93 -6.35
N TYR A 20 -2.74 4.02 -5.59
CA TYR A 20 -3.25 5.29 -6.10
C TYR A 20 -2.65 6.42 -5.26
N ILE A 21 -1.42 6.80 -5.60
CA ILE A 21 -0.70 7.83 -4.87
C ILE A 21 -1.18 9.24 -5.23
N GLN A 22 -0.92 10.18 -4.33
CA GLN A 22 -1.30 11.57 -4.53
C GLN A 22 -0.17 12.49 -4.03
N PRO A 23 0.69 12.90 -4.92
CA PRO A 23 1.85 13.78 -4.57
C PRO A 23 1.40 15.20 -4.21
N LYS A 24 2.11 15.79 -3.26
CA LYS A 24 1.79 17.15 -2.81
C LYS A 24 0.30 17.26 -2.45
N ALA A 25 -0.09 16.61 -1.35
CA ALA A 25 -1.48 16.65 -0.93
C ALA A 25 -1.65 16.15 0.50
N SER A 26 -2.34 16.96 1.32
CA SER A 26 -2.61 16.61 2.72
C SER A 26 -1.48 15.81 3.36
N ARG A 27 -0.24 16.19 3.04
CA ARG A 27 0.93 15.50 3.60
C ARG A 27 0.76 13.97 3.56
N ASP A 28 1.41 13.28 4.48
CA ASP A 28 1.32 11.83 4.55
C ASP A 28 -0.07 11.40 4.98
N SER A 29 -0.80 10.77 4.06
CA SER A 29 -2.16 10.31 4.35
C SER A 29 -2.36 8.89 3.84
N ILE A 30 -2.66 7.97 4.76
CA ILE A 30 -2.89 6.57 4.39
C ILE A 30 -4.39 6.27 4.44
N VAL A 31 -5.12 6.78 3.46
CA VAL A 31 -6.57 6.55 3.41
C VAL A 31 -6.86 5.05 3.45
N GLY A 32 -6.90 4.41 2.28
CA GLY A 32 -7.16 2.98 2.22
C GLY A 32 -8.28 2.65 1.25
N LEU A 33 -8.21 3.19 0.03
CA LEU A 33 -9.26 2.93 -0.94
C LEU A 33 -9.32 1.45 -1.28
N HIS A 34 -10.53 1.00 -1.61
CA HIS A 34 -10.76 -0.40 -1.95
C HIS A 34 -11.75 -0.51 -3.12
N GLY A 35 -11.89 -1.70 -3.68
CA GLY A 35 -12.81 -1.92 -4.79
C GLY A 35 -12.05 -2.05 -6.11
N ASP A 36 -11.00 -1.24 -6.26
CA ASP A 36 -10.21 -1.26 -7.49
C ASP A 36 -8.78 -0.81 -7.20
N GLU A 37 -8.64 0.16 -6.31
CA GLU A 37 -7.33 0.70 -5.94
C GLU A 37 -7.32 1.14 -4.48
N VAL A 38 -6.21 1.76 -4.07
CA VAL A 38 -6.07 2.24 -2.69
C VAL A 38 -5.43 3.63 -2.70
N LYS A 39 -6.07 4.55 -1.98
CA LYS A 39 -5.60 5.92 -1.91
C LYS A 39 -4.37 6.07 -1.01
N VAL A 40 -3.44 6.90 -1.46
CA VAL A 40 -2.22 7.19 -0.72
C VAL A 40 -1.73 8.59 -1.09
N ALA A 41 -1.18 9.32 -0.13
CA ALA A 41 -0.72 10.67 -0.42
C ALA A 41 0.50 11.03 0.41
N ILE A 42 1.43 11.75 -0.23
CA ILE A 42 2.66 12.20 0.41
C ILE A 42 3.03 13.58 -0.11
N THR A 43 3.62 14.41 0.74
CA THR A 43 4.00 15.76 0.33
C THR A 43 5.21 15.72 -0.59
N ALA A 44 5.63 14.51 -0.98
CA ALA A 44 6.76 14.33 -1.88
C ALA A 44 6.29 14.20 -3.33
N PRO A 45 6.79 15.04 -4.21
CA PRO A 45 6.40 14.99 -5.66
C PRO A 45 6.65 13.62 -6.28
N PRO A 46 6.35 13.45 -7.54
CA PRO A 46 6.55 12.17 -8.26
C PRO A 46 8.02 11.92 -8.63
N VAL A 47 8.91 12.75 -8.08
CA VAL A 47 10.34 12.62 -8.35
C VAL A 47 10.88 11.34 -7.71
N ASP A 48 11.23 10.36 -8.55
CA ASP A 48 11.77 9.09 -8.08
C ASP A 48 12.78 9.29 -6.95
N GLY A 49 13.45 10.45 -6.99
CA GLY A 49 14.45 10.77 -5.97
C GLY A 49 13.90 10.59 -4.55
N GLN A 50 12.97 11.47 -4.17
CA GLN A 50 12.39 11.41 -2.83
C GLN A 50 11.02 10.72 -2.85
N ALA A 51 10.34 10.76 -3.99
CA ALA A 51 9.03 10.14 -4.11
C ALA A 51 9.12 8.64 -3.80
N ASN A 52 10.02 7.96 -4.50
CA ASN A 52 10.19 6.53 -4.29
C ASN A 52 10.84 6.24 -2.94
N SER A 53 11.62 7.20 -2.44
CA SER A 53 12.27 7.04 -1.15
C SER A 53 11.24 6.76 -0.06
N HIS A 54 10.48 7.79 0.30
CA HIS A 54 9.44 7.64 1.32
C HIS A 54 8.55 6.45 0.99
N LEU A 55 8.16 6.34 -0.27
CA LEU A 55 7.29 5.26 -0.71
C LEU A 55 7.75 3.92 -0.13
N VAL A 56 9.02 3.57 -0.38
CA VAL A 56 9.57 2.32 0.12
C VAL A 56 9.58 2.31 1.65
N LYS A 57 10.12 3.37 2.24
CA LYS A 57 10.18 3.48 3.70
C LYS A 57 8.80 3.36 4.33
N PHE A 58 7.84 4.08 3.76
CA PHE A 58 6.46 4.06 4.27
C PHE A 58 5.98 2.61 4.37
N LEU A 59 5.76 1.98 3.22
CA LEU A 59 5.30 0.60 3.18
C LEU A 59 6.32 -0.30 3.87
N GLY A 60 7.53 0.22 4.05
CA GLY A 60 8.61 -0.53 4.69
C GLY A 60 8.26 -0.85 6.14
N LYS A 61 8.08 0.19 6.95
CA LYS A 61 7.76 -0.01 8.36
C LYS A 61 6.39 -0.69 8.52
N GLN A 62 5.47 -0.38 7.61
CA GLN A 62 4.13 -0.94 7.66
C GLN A 62 4.17 -2.46 7.66
N PHE A 63 4.54 -3.05 6.52
CA PHE A 63 4.61 -4.51 6.39
C PHE A 63 5.98 -5.03 6.82
N ARG A 64 6.82 -4.13 7.32
CA ARG A 64 8.18 -4.50 7.75
C ARG A 64 8.87 -5.32 6.67
N VAL A 65 9.19 -4.69 5.54
CA VAL A 65 9.85 -5.36 4.44
C VAL A 65 11.23 -4.78 4.19
N ALA A 66 12.14 -5.62 3.73
CA ALA A 66 13.52 -5.19 3.46
C ALA A 66 13.58 -4.18 2.33
N LYS A 67 14.67 -3.42 2.30
CA LYS A 67 14.90 -2.41 1.27
C LYS A 67 15.29 -3.07 -0.05
N SER A 68 14.86 -4.30 -0.24
CA SER A 68 15.18 -5.05 -1.46
C SER A 68 14.22 -6.24 -1.63
N GLN A 69 13.09 -6.14 -0.94
CA GLN A 69 12.04 -7.15 -1.04
C GLN A 69 10.83 -6.49 -1.70
N VAL A 70 10.83 -5.16 -1.65
CA VAL A 70 9.77 -4.36 -2.24
C VAL A 70 10.17 -3.99 -3.68
N VAL A 71 9.32 -4.37 -4.64
CA VAL A 71 9.62 -4.08 -6.04
C VAL A 71 8.44 -3.41 -6.73
N ILE A 72 8.68 -2.20 -7.24
CA ILE A 72 7.65 -1.46 -7.95
C ILE A 72 7.47 -2.01 -9.36
N GLU A 73 6.21 -2.15 -9.79
CA GLU A 73 5.94 -2.69 -11.11
C GLU A 73 5.86 -1.59 -12.16
N LYS A 74 4.82 -0.75 -12.09
CA LYS A 74 4.64 0.33 -13.05
C LYS A 74 3.79 1.46 -12.46
N GLY A 75 3.53 2.47 -13.28
CA GLY A 75 2.73 3.62 -12.86
C GLY A 75 3.46 4.45 -11.80
N GLU A 76 4.76 4.19 -11.67
CA GLU A 76 5.57 4.91 -10.68
C GLU A 76 5.39 6.42 -10.81
N LEU A 77 5.20 6.90 -12.02
CA LEU A 77 5.02 8.34 -12.26
C LEU A 77 3.54 8.73 -12.26
N GLY A 78 2.84 8.46 -11.16
CA GLY A 78 1.42 8.80 -11.06
C GLY A 78 0.73 8.06 -9.93
N ARG A 79 -0.59 8.26 -9.83
CA ARG A 79 -1.40 7.60 -8.80
C ARG A 79 -1.56 6.14 -9.15
N HIS A 80 -2.19 5.88 -10.30
CA HIS A 80 -2.39 4.51 -10.76
C HIS A 80 -1.03 3.82 -10.85
N LYS A 81 -0.66 3.17 -9.76
CA LYS A 81 0.63 2.49 -9.69
C LYS A 81 0.46 1.10 -9.09
N GLN A 82 1.31 0.17 -9.52
CA GLN A 82 1.23 -1.19 -9.02
C GLN A 82 2.55 -1.58 -8.36
N ILE A 83 2.44 -2.29 -7.23
CA ILE A 83 3.62 -2.73 -6.49
C ILE A 83 3.56 -4.24 -6.27
N LYS A 84 4.65 -4.80 -5.76
CA LYS A 84 4.73 -6.24 -5.51
C LYS A 84 5.57 -6.51 -4.27
N ILE A 85 4.90 -6.93 -3.19
CA ILE A 85 5.58 -7.23 -1.93
C ILE A 85 6.02 -8.69 -1.90
N ILE A 86 7.34 -8.92 -1.85
CA ILE A 86 7.87 -10.28 -1.83
C ILE A 86 7.88 -10.82 -0.40
N ASN A 87 7.09 -11.88 -0.19
CA ASN A 87 7.00 -12.54 1.13
C ASN A 87 7.14 -11.54 2.27
N PRO A 88 6.07 -10.91 2.68
CA PRO A 88 6.08 -9.91 3.78
C PRO A 88 6.24 -10.58 5.15
N GLN A 89 5.90 -9.85 6.21
CA GLN A 89 6.02 -10.38 7.57
C GLN A 89 5.12 -9.63 8.54
N GLN A 90 4.95 -8.33 8.32
CA GLN A 90 4.11 -7.52 9.20
C GLN A 90 2.95 -6.89 8.43
N ILE A 91 1.97 -6.37 9.18
CA ILE A 91 0.79 -5.73 8.60
C ILE A 91 0.38 -6.42 7.29
N PRO A 92 0.23 -7.72 7.33
CA PRO A 92 -0.17 -8.58 6.17
C PRO A 92 -1.24 -7.96 5.26
N PRO A 93 -1.60 -8.64 4.21
CA PRO A 93 -2.63 -8.15 3.24
C PRO A 93 -4.03 -8.12 3.84
N GLU A 94 -4.37 -9.13 4.63
CA GLU A 94 -5.68 -9.17 5.27
C GLU A 94 -5.95 -7.88 6.03
N VAL A 95 -4.87 -7.18 6.38
CA VAL A 95 -4.99 -5.91 7.11
C VAL A 95 -5.53 -4.81 6.21
N ALA A 96 -5.23 -4.89 4.92
CA ALA A 96 -5.70 -3.89 3.96
C ALA A 96 -7.20 -3.67 4.07
N ALA A 97 -7.97 -4.72 3.79
CA ALA A 97 -9.43 -4.63 3.85
C ALA A 97 -9.88 -4.11 5.22
N LEU A 98 -9.20 -4.58 6.27
CA LEU A 98 -9.52 -4.15 7.62
C LEU A 98 -11.02 -4.25 7.89
N ILE A 99 -11.63 -5.32 7.41
CA ILE A 99 -13.06 -5.53 7.60
C ILE A 99 -13.37 -5.90 9.05
N ASN A 100 -12.31 -6.10 9.84
CA ASN A 100 -12.47 -6.45 11.24
C ASN A 100 -13.00 -5.25 12.03
N LEU A 101 -13.22 -4.13 11.33
CA LEU A 101 -13.72 -2.92 11.96
C LEU A 101 -13.06 -2.69 13.32
N GLU A 102 -11.79 -2.28 13.28
CA GLU A 102 -11.04 -2.03 14.51
C GLU A 102 -11.08 -3.26 15.42
N HIS A 103 -11.49 -3.07 16.67
CA HIS A 103 -11.58 -4.18 17.62
C HIS A 103 -12.42 -3.79 18.83
N HIS A 104 -12.96 -2.57 18.82
CA HIS A 104 -13.79 -2.08 19.91
C HIS A 104 -13.03 -2.13 21.23
N HIS A 105 -11.71 -2.35 21.15
CA HIS A 105 -10.86 -2.43 22.33
C HIS A 105 -11.14 -3.71 23.11
N HIS A 106 -12.28 -4.35 22.84
CA HIS A 106 -12.65 -5.58 23.54
C HIS A 106 -11.62 -6.68 23.23
N HIS A 107 -11.12 -7.32 24.28
CA HIS A 107 -10.14 -8.39 24.12
C HIS A 107 -10.12 -9.31 25.35
N HIS A 108 -11.00 -10.31 25.33
CA HIS A 108 -11.09 -11.26 26.44
C HIS A 108 -11.28 -10.53 27.78
N MET A 1 -12.74 -16.08 -14.49
CA MET A 1 -12.00 -15.33 -15.55
C MET A 1 -10.86 -14.54 -14.91
N ASP A 2 -9.64 -15.02 -15.11
CA ASP A 2 -8.46 -14.36 -14.55
C ASP A 2 -8.65 -14.08 -13.06
N GLY A 3 -8.00 -13.04 -12.57
CA GLY A 3 -8.12 -12.66 -11.15
C GLY A 3 -9.39 -11.84 -10.93
N VAL A 4 -9.32 -10.92 -9.97
CA VAL A 4 -10.46 -10.06 -9.66
C VAL A 4 -10.15 -8.63 -10.07
N MET A 5 -8.92 -8.39 -10.48
CA MET A 5 -8.49 -7.04 -10.89
C MET A 5 -8.49 -6.09 -9.70
N SER A 6 -8.42 -6.65 -8.49
CA SER A 6 -8.42 -5.84 -7.28
C SER A 6 -7.03 -5.27 -7.03
N ALA A 7 -6.99 -4.04 -6.52
CA ALA A 7 -5.72 -3.38 -6.23
C ALA A 7 -4.87 -4.25 -5.33
N VAL A 8 -5.55 -5.04 -4.50
CA VAL A 8 -4.85 -5.91 -3.57
C VAL A 8 -4.61 -7.28 -4.19
N THR A 9 -3.38 -7.50 -4.66
CA THR A 9 -3.01 -8.78 -5.28
C THR A 9 -2.05 -9.55 -4.38
N VAL A 10 -2.40 -10.79 -4.08
CA VAL A 10 -1.55 -11.63 -3.23
C VAL A 10 -0.41 -12.26 -4.03
N ASN A 11 0.66 -12.62 -3.34
CA ASN A 11 1.82 -13.24 -3.98
C ASN A 11 2.44 -14.28 -3.05
N ASP A 12 3.57 -14.87 -3.48
CA ASP A 12 4.24 -15.89 -2.68
C ASP A 12 4.52 -15.38 -1.26
N ASP A 13 5.26 -14.27 -1.18
CA ASP A 13 5.59 -13.69 0.12
C ASP A 13 5.43 -12.17 0.09
N GLY A 14 4.29 -11.71 -0.42
CA GLY A 14 4.02 -10.28 -0.50
C GLY A 14 2.69 -10.02 -1.20
N LEU A 15 2.40 -8.73 -1.43
CA LEU A 15 1.17 -8.35 -2.10
C LEU A 15 1.27 -6.93 -2.67
N VAL A 16 0.70 -6.74 -3.87
CA VAL A 16 0.74 -5.44 -4.52
C VAL A 16 -0.45 -4.59 -4.07
N LEU A 17 -0.27 -3.27 -4.08
CA LEU A 17 -1.34 -2.35 -3.68
C LEU A 17 -1.24 -1.05 -4.46
N ARG A 18 -2.40 -0.50 -4.84
CA ARG A 18 -2.44 0.75 -5.59
C ARG A 18 -2.24 1.93 -4.64
N LEU A 19 -1.93 3.10 -5.19
CA LEU A 19 -1.71 4.29 -4.38
C LEU A 19 -2.23 5.54 -5.09
N TYR A 20 -2.24 6.65 -4.36
CA TYR A 20 -2.71 7.92 -4.88
C TYR A 20 -2.08 9.05 -4.07
N ILE A 21 -0.89 9.48 -4.49
CA ILE A 21 -0.17 10.53 -3.79
C ILE A 21 -0.87 11.88 -3.95
N GLN A 22 -0.88 12.66 -2.88
CA GLN A 22 -1.52 13.98 -2.90
C GLN A 22 -0.69 15.00 -2.11
N PRO A 23 0.07 15.82 -2.79
CA PRO A 23 0.91 16.86 -2.13
C PRO A 23 0.07 17.91 -1.43
N LYS A 24 0.66 18.55 -0.41
CA LYS A 24 -0.05 19.59 0.34
C LYS A 24 -1.47 19.13 0.65
N ALA A 25 -1.62 18.21 1.60
CA ALA A 25 -2.94 17.69 1.94
C ALA A 25 -2.91 16.90 3.25
N SER A 26 -3.92 17.13 4.08
CA SER A 26 -4.07 16.44 5.37
C SER A 26 -2.72 16.22 6.07
N ARG A 27 -1.74 17.07 5.77
CA ARG A 27 -0.41 16.98 6.36
C ARG A 27 0.09 15.52 6.44
N ASP A 28 -0.36 14.80 7.46
CA ASP A 28 0.05 13.40 7.64
C ASP A 28 -0.49 12.51 6.52
N SER A 29 0.27 11.47 6.21
CA SER A 29 -0.10 10.52 5.17
C SER A 29 -1.21 9.58 5.63
N ILE A 30 -1.77 8.82 4.68
CA ILE A 30 -2.84 7.88 4.97
C ILE A 30 -3.99 8.56 5.72
N VAL A 31 -5.03 8.94 4.97
CA VAL A 31 -6.18 9.62 5.55
C VAL A 31 -7.41 8.72 5.52
N GLY A 32 -7.49 7.84 4.53
CA GLY A 32 -8.66 6.96 4.39
C GLY A 32 -8.43 5.88 3.35
N LEU A 33 -7.57 4.90 3.65
CA LEU A 33 -7.26 3.83 2.70
C LEU A 33 -8.53 3.09 2.23
N HIS A 34 -9.32 3.78 1.42
CA HIS A 34 -10.56 3.22 0.88
C HIS A 34 -10.74 3.65 -0.58
N GLY A 35 -11.68 3.03 -1.27
CA GLY A 35 -11.95 3.39 -2.67
C GLY A 35 -11.09 2.58 -3.62
N ASP A 36 -10.62 1.44 -3.15
CA ASP A 36 -9.79 0.57 -3.96
C ASP A 36 -8.41 1.19 -4.20
N GLU A 37 -8.17 2.36 -3.60
CA GLU A 37 -6.89 3.03 -3.75
C GLU A 37 -6.55 3.81 -2.47
N VAL A 38 -5.35 3.59 -1.95
CA VAL A 38 -4.92 4.26 -0.73
C VAL A 38 -4.18 5.56 -1.06
N LYS A 39 -4.75 6.68 -0.60
CA LYS A 39 -4.12 7.98 -0.83
C LYS A 39 -2.96 8.16 0.15
N VAL A 40 -2.02 9.03 -0.19
CA VAL A 40 -0.86 9.28 0.67
C VAL A 40 -0.35 10.70 0.50
N ALA A 41 -0.67 11.55 1.46
CA ALA A 41 -0.22 12.93 1.43
C ALA A 41 1.02 13.07 2.30
N ILE A 42 1.95 13.90 1.87
CA ILE A 42 3.18 14.10 2.64
C ILE A 42 3.61 15.56 2.61
N THR A 43 2.79 16.40 1.96
CA THR A 43 3.07 17.84 1.85
C THR A 43 4.22 18.10 0.88
N ALA A 44 5.10 17.10 0.72
CA ALA A 44 6.24 17.24 -0.19
C ALA A 44 5.83 16.98 -1.63
N PRO A 45 6.31 17.79 -2.55
CA PRO A 45 5.98 17.64 -4.00
C PRO A 45 6.31 16.25 -4.53
N PRO A 46 6.05 16.00 -5.80
CA PRO A 46 6.31 14.68 -6.44
C PRO A 46 7.81 14.47 -6.76
N VAL A 47 8.62 15.46 -6.40
CA VAL A 47 10.07 15.37 -6.64
C VAL A 47 10.64 14.10 -6.01
N ASP A 48 10.90 13.10 -6.85
CA ASP A 48 11.43 11.81 -6.38
C ASP A 48 12.51 12.02 -5.30
N GLY A 49 13.26 13.11 -5.43
CA GLY A 49 14.32 13.42 -4.47
C GLY A 49 13.81 13.31 -3.03
N GLN A 50 12.89 14.19 -2.66
CA GLN A 50 12.33 14.19 -1.32
C GLN A 50 10.97 13.48 -1.27
N ALA A 51 10.28 13.46 -2.40
CA ALA A 51 8.97 12.81 -2.49
C ALA A 51 9.06 11.31 -2.22
N ASN A 52 9.71 10.59 -3.14
CA ASN A 52 9.84 9.13 -3.02
C ASN A 52 10.56 8.73 -1.73
N SER A 53 11.42 9.61 -1.22
CA SER A 53 12.16 9.30 0.00
C SER A 53 11.18 9.01 1.14
N HIS A 54 10.43 10.03 1.56
CA HIS A 54 9.44 9.86 2.62
C HIS A 54 8.51 8.69 2.31
N LEU A 55 8.15 8.57 1.04
CA LEU A 55 7.26 7.51 0.58
C LEU A 55 7.70 6.14 1.09
N VAL A 56 8.90 5.72 0.70
CA VAL A 56 9.43 4.43 1.10
C VAL A 56 9.61 4.36 2.62
N LYS A 57 10.35 5.31 3.18
CA LYS A 57 10.61 5.35 4.62
C LYS A 57 9.29 5.33 5.40
N PHE A 58 8.34 6.17 5.01
CA PHE A 58 7.04 6.24 5.67
C PHE A 58 6.41 4.85 5.76
N LEU A 59 6.10 4.29 4.59
CA LEU A 59 5.49 2.96 4.53
C LEU A 59 6.40 1.94 5.19
N GLY A 60 7.71 2.19 5.12
CA GLY A 60 8.70 1.30 5.71
C GLY A 60 8.40 1.05 7.19
N LYS A 61 8.45 2.10 8.00
CA LYS A 61 8.20 1.98 9.42
C LYS A 61 6.76 1.53 9.69
N GLN A 62 5.81 2.09 8.95
CA GLN A 62 4.41 1.73 9.13
C GLN A 62 4.18 0.24 8.97
N PHE A 63 4.69 -0.33 7.88
CA PHE A 63 4.51 -1.76 7.61
C PHE A 63 5.70 -2.58 8.14
N ARG A 64 6.61 -1.93 8.87
CA ARG A 64 7.77 -2.62 9.43
C ARG A 64 8.62 -3.22 8.30
N VAL A 65 8.65 -2.54 7.17
CA VAL A 65 9.42 -2.99 6.01
C VAL A 65 10.32 -1.88 5.52
N ALA A 66 10.88 -2.04 4.31
CA ALA A 66 11.76 -1.03 3.75
C ALA A 66 12.13 -1.38 2.30
N LYS A 67 13.05 -0.62 1.73
CA LYS A 67 13.49 -0.85 0.35
C LYS A 67 13.76 -2.33 0.09
N SER A 68 14.35 -3.01 1.08
CA SER A 68 14.67 -4.43 0.95
C SER A 68 13.41 -5.26 0.73
N GLN A 69 12.25 -4.61 0.85
CA GLN A 69 10.97 -5.30 0.67
C GLN A 69 9.98 -4.44 -0.15
N VAL A 70 10.21 -3.13 -0.15
CA VAL A 70 9.35 -2.20 -0.89
C VAL A 70 9.92 -1.99 -2.29
N VAL A 71 9.08 -2.18 -3.30
CA VAL A 71 9.52 -2.01 -4.68
C VAL A 71 8.51 -1.18 -5.47
N ILE A 72 8.95 -0.04 -6.00
CA ILE A 72 8.09 0.83 -6.78
C ILE A 72 7.85 0.24 -8.17
N GLU A 73 6.57 0.07 -8.52
CA GLU A 73 6.20 -0.49 -9.82
C GLU A 73 6.06 0.63 -10.85
N LYS A 74 5.14 1.55 -10.58
CA LYS A 74 4.89 2.69 -11.48
C LYS A 74 4.30 3.85 -10.69
N GLY A 75 4.06 4.96 -11.38
CA GLY A 75 3.50 6.15 -10.75
C GLY A 75 4.61 6.96 -10.09
N GLU A 76 5.85 6.66 -10.49
CA GLU A 76 7.02 7.35 -9.95
C GLU A 76 6.84 8.87 -10.01
N LEU A 77 5.99 9.33 -10.92
CA LEU A 77 5.74 10.76 -11.07
C LEU A 77 4.24 11.04 -11.19
N GLY A 78 3.47 10.58 -10.20
CA GLY A 78 2.03 10.79 -10.21
C GLY A 78 1.37 10.17 -8.98
N ARG A 79 0.04 10.31 -8.92
CA ARG A 79 -0.75 9.77 -7.82
C ARG A 79 -0.89 8.26 -7.96
N HIS A 80 -1.47 7.84 -9.09
CA HIS A 80 -1.65 6.42 -9.36
C HIS A 80 -0.30 5.72 -9.31
N LYS A 81 -0.06 4.97 -8.24
CA LYS A 81 1.20 4.26 -8.08
C LYS A 81 0.99 2.87 -7.51
N GLN A 82 1.91 1.97 -7.81
CA GLN A 82 1.83 0.60 -7.32
C GLN A 82 3.11 0.24 -6.57
N ILE A 83 2.96 -0.55 -5.51
CA ILE A 83 4.10 -0.95 -4.69
C ILE A 83 3.91 -2.38 -4.19
N LYS A 84 4.99 -3.15 -4.23
CA LYS A 84 4.96 -4.54 -3.78
C LYS A 84 5.36 -4.64 -2.32
N ILE A 85 4.41 -5.02 -1.47
CA ILE A 85 4.68 -5.16 -0.04
C ILE A 85 5.18 -6.57 0.26
N ILE A 86 6.49 -6.75 0.15
CA ILE A 86 7.10 -8.05 0.40
C ILE A 86 7.26 -8.32 1.90
N ASN A 87 6.56 -9.35 2.38
CA ASN A 87 6.63 -9.73 3.80
C ASN A 87 6.37 -8.55 4.74
N PRO A 88 5.14 -8.35 5.13
CA PRO A 88 4.76 -7.26 6.07
C PRO A 88 5.18 -7.58 7.50
N GLN A 89 4.60 -8.67 8.04
CA GLN A 89 4.89 -9.15 9.39
C GLN A 89 4.07 -8.46 10.48
N GLN A 90 3.67 -7.21 10.27
CA GLN A 90 2.90 -6.51 11.30
C GLN A 90 1.85 -5.57 10.72
N ILE A 91 0.65 -5.62 11.34
CA ILE A 91 -0.52 -4.80 10.99
C ILE A 91 -1.55 -5.51 10.07
N PRO A 92 -1.31 -5.68 8.77
CA PRO A 92 -2.30 -6.34 7.88
C PRO A 92 -2.94 -7.59 8.50
N PRO A 93 -4.14 -7.47 9.01
CA PRO A 93 -4.87 -8.60 9.64
C PRO A 93 -5.49 -9.54 8.59
N GLU A 94 -6.68 -9.17 8.12
CA GLU A 94 -7.38 -9.97 7.11
C GLU A 94 -6.55 -10.09 5.83
N VAL A 95 -5.74 -9.05 5.56
CA VAL A 95 -4.91 -9.04 4.36
C VAL A 95 -3.83 -10.11 4.42
N ALA A 96 -3.42 -10.47 5.64
CA ALA A 96 -2.39 -11.49 5.81
C ALA A 96 -2.72 -12.72 4.97
N ALA A 97 -3.96 -13.17 5.06
CA ALA A 97 -4.41 -14.33 4.29
C ALA A 97 -5.07 -13.88 2.99
N LEU A 98 -5.91 -12.83 3.09
CA LEU A 98 -6.61 -12.29 1.94
C LEU A 98 -7.64 -13.29 1.40
N ILE A 99 -7.25 -14.55 1.32
CA ILE A 99 -8.13 -15.60 0.83
C ILE A 99 -9.23 -15.93 1.85
N ASN A 100 -9.46 -15.01 2.78
CA ASN A 100 -10.47 -15.21 3.81
C ASN A 100 -11.86 -15.19 3.19
N LEU A 101 -12.32 -14.01 2.82
CA LEU A 101 -13.64 -13.85 2.20
C LEU A 101 -14.76 -14.13 3.19
N GLU A 102 -14.55 -15.13 4.04
CA GLU A 102 -15.55 -15.50 5.05
C GLU A 102 -15.48 -14.55 6.24
N HIS A 103 -16.58 -13.83 6.48
CA HIS A 103 -16.65 -12.89 7.59
C HIS A 103 -16.84 -13.63 8.91
N HIS A 104 -17.93 -14.38 9.00
CA HIS A 104 -18.24 -15.15 10.21
C HIS A 104 -17.03 -15.99 10.64
N HIS A 105 -16.70 -15.93 11.93
CA HIS A 105 -15.57 -16.68 12.45
C HIS A 105 -15.89 -18.17 12.45
N HIS A 106 -15.08 -18.94 11.72
CA HIS A 106 -15.27 -20.39 11.65
C HIS A 106 -15.47 -20.96 13.04
N HIS A 107 -16.61 -21.61 13.26
CA HIS A 107 -16.93 -22.19 14.56
C HIS A 107 -15.73 -22.90 15.17
N HIS A 108 -15.11 -22.26 16.16
CA HIS A 108 -13.95 -22.81 16.84
C HIS A 108 -12.95 -23.39 15.83
N MET A 1 -10.25 -5.50 -18.53
CA MET A 1 -9.89 -6.94 -18.67
C MET A 1 -10.70 -7.75 -17.64
N ASP A 2 -10.51 -9.06 -17.65
CA ASP A 2 -11.21 -9.94 -16.73
C ASP A 2 -10.89 -9.55 -15.29
N GLY A 3 -11.91 -9.12 -14.54
CA GLY A 3 -11.73 -8.71 -13.15
C GLY A 3 -11.56 -9.92 -12.24
N VAL A 4 -10.46 -10.66 -12.43
CA VAL A 4 -10.17 -11.83 -11.62
C VAL A 4 -10.21 -11.49 -10.13
N MET A 5 -11.06 -12.20 -9.39
CA MET A 5 -11.19 -11.98 -7.95
C MET A 5 -11.28 -10.49 -7.61
N SER A 6 -10.96 -10.15 -6.36
CA SER A 6 -11.01 -8.76 -5.91
C SER A 6 -9.72 -8.02 -6.30
N ALA A 7 -9.58 -6.79 -5.81
CA ALA A 7 -8.40 -5.99 -6.07
C ALA A 7 -7.17 -6.76 -5.65
N VAL A 8 -7.34 -7.58 -4.61
CA VAL A 8 -6.26 -8.39 -4.09
C VAL A 8 -6.22 -9.73 -4.82
N THR A 9 -5.00 -10.23 -5.06
CA THR A 9 -4.84 -11.51 -5.74
C THR A 9 -3.69 -12.30 -5.12
N VAL A 10 -4.03 -13.46 -4.57
CA VAL A 10 -3.02 -14.33 -3.94
C VAL A 10 -2.27 -15.12 -5.00
N ASN A 11 -0.99 -15.36 -4.75
CA ASN A 11 -0.16 -16.13 -5.67
C ASN A 11 0.88 -16.95 -4.92
N ASP A 12 1.38 -17.99 -5.56
CA ASP A 12 2.37 -18.88 -4.96
C ASP A 12 3.63 -18.11 -4.55
N ASP A 13 3.92 -17.01 -5.25
CA ASP A 13 5.10 -16.21 -4.95
C ASP A 13 4.76 -15.04 -4.03
N GLY A 14 3.48 -14.70 -3.94
CA GLY A 14 3.05 -13.58 -3.10
C GLY A 14 1.65 -13.14 -3.47
N LEU A 15 1.41 -11.83 -3.45
CA LEU A 15 0.08 -11.30 -3.79
C LEU A 15 0.18 -9.92 -4.44
N VAL A 16 -0.57 -9.74 -5.52
CA VAL A 16 -0.60 -8.46 -6.23
C VAL A 16 -1.70 -7.56 -5.64
N LEU A 17 -1.50 -6.25 -5.76
CA LEU A 17 -2.47 -5.29 -5.23
C LEU A 17 -2.60 -4.10 -6.17
N ARG A 18 -3.82 -3.59 -6.33
CA ARG A 18 -4.08 -2.44 -7.18
C ARG A 18 -3.88 -1.15 -6.39
N LEU A 19 -2.84 -0.39 -6.74
CA LEU A 19 -2.55 0.86 -6.04
C LEU A 19 -2.97 2.07 -6.88
N TYR A 20 -3.13 3.20 -6.20
CA TYR A 20 -3.51 4.45 -6.84
C TYR A 20 -3.08 5.62 -5.96
N ILE A 21 -1.87 6.10 -6.20
CA ILE A 21 -1.33 7.22 -5.41
C ILE A 21 -2.09 8.50 -5.71
N GLN A 22 -2.10 9.40 -4.73
CA GLN A 22 -2.80 10.68 -4.86
C GLN A 22 -1.94 11.81 -4.28
N PRO A 23 -1.44 12.68 -5.11
CA PRO A 23 -0.60 13.82 -4.66
C PRO A 23 -1.38 14.77 -3.75
N LYS A 24 -0.66 15.73 -3.15
CA LYS A 24 -1.29 16.70 -2.24
C LYS A 24 -1.69 16.02 -0.94
N ALA A 25 -2.20 14.79 -1.08
CA ALA A 25 -2.62 13.97 0.07
C ALA A 25 -3.31 14.80 1.16
N SER A 26 -4.63 14.68 1.24
CA SER A 26 -5.39 15.40 2.25
C SER A 26 -5.04 14.87 3.64
N ARG A 27 -4.37 13.71 3.67
CA ARG A 27 -3.96 13.09 4.92
C ARG A 27 -2.98 11.93 4.65
N ASP A 28 -2.83 11.04 5.63
CA ASP A 28 -1.91 9.90 5.50
C ASP A 28 -2.38 8.96 4.38
N SER A 29 -1.56 7.95 4.10
CA SER A 29 -1.88 6.97 3.05
C SER A 29 -3.08 6.11 3.45
N ILE A 30 -3.56 5.30 2.50
CA ILE A 30 -4.70 4.41 2.73
C ILE A 30 -5.85 5.20 3.35
N VAL A 31 -6.64 5.85 2.50
CA VAL A 31 -7.77 6.64 2.96
C VAL A 31 -9.08 5.85 2.84
N GLY A 32 -9.19 5.03 1.80
CA GLY A 32 -10.40 4.25 1.59
C GLY A 32 -10.17 3.05 0.67
N LEU A 33 -9.38 2.10 1.13
CA LEU A 33 -9.08 0.90 0.34
C LEU A 33 -10.36 0.11 0.08
N HIS A 34 -10.58 -0.28 -1.17
CA HIS A 34 -11.77 -1.04 -1.54
C HIS A 34 -11.41 -2.14 -2.55
N GLY A 35 -12.37 -3.02 -2.81
CA GLY A 35 -12.16 -4.11 -3.76
C GLY A 35 -11.99 -3.58 -5.19
N ASP A 36 -12.23 -2.28 -5.34
CA ASP A 36 -12.09 -1.64 -6.65
C ASP A 36 -10.66 -1.18 -6.87
N GLU A 37 -10.27 -0.11 -6.18
CA GLU A 37 -8.92 0.43 -6.31
C GLU A 37 -8.49 1.05 -4.98
N VAL A 38 -7.28 0.69 -4.53
CA VAL A 38 -6.77 1.21 -3.26
C VAL A 38 -6.05 2.55 -3.45
N LYS A 39 -6.62 3.59 -2.84
CA LYS A 39 -6.01 4.90 -2.91
C LYS A 39 -4.83 4.98 -1.96
N VAL A 40 -3.92 5.91 -2.25
CA VAL A 40 -2.73 6.09 -1.41
C VAL A 40 -2.28 7.54 -1.54
N ALA A 41 -1.89 8.14 -0.42
CA ALA A 41 -1.46 9.54 -0.43
C ALA A 41 -0.37 9.78 0.60
N ILE A 42 0.68 10.49 0.19
CA ILE A 42 1.80 10.80 1.06
C ILE A 42 2.35 12.19 0.75
N THR A 43 1.51 13.03 0.11
CA THR A 43 1.87 14.40 -0.28
C THR A 43 2.93 14.39 -1.38
N ALA A 44 3.81 13.40 -1.36
CA ALA A 44 4.86 13.28 -2.36
C ALA A 44 4.28 12.71 -3.66
N PRO A 45 4.41 13.43 -4.75
CA PRO A 45 3.89 12.98 -6.07
C PRO A 45 4.49 11.64 -6.48
N PRO A 46 4.14 11.13 -7.64
CA PRO A 46 4.66 9.84 -8.15
C PRO A 46 6.10 9.96 -8.64
N VAL A 47 6.93 10.61 -7.83
CA VAL A 47 8.34 10.79 -8.15
C VAL A 47 9.16 9.61 -7.65
N ASP A 48 9.61 8.76 -8.57
CA ASP A 48 10.40 7.59 -8.22
C ASP A 48 11.49 7.94 -7.21
N GLY A 49 11.81 9.23 -7.12
CA GLY A 49 12.84 9.69 -6.18
C GLY A 49 12.41 9.48 -4.73
N GLN A 50 11.47 10.31 -4.26
CA GLN A 50 11.00 10.21 -2.88
C GLN A 50 9.71 9.40 -2.78
N ALA A 51 8.94 9.40 -3.86
CA ALA A 51 7.67 8.66 -3.87
C ALA A 51 7.94 7.17 -3.64
N ASN A 52 8.71 6.56 -4.53
CA ASN A 52 9.02 5.15 -4.41
C ASN A 52 9.67 4.86 -3.06
N SER A 53 10.40 5.83 -2.53
CA SER A 53 11.05 5.66 -1.24
C SER A 53 10.01 5.36 -0.16
N HIS A 54 9.23 6.38 0.20
CA HIS A 54 8.18 6.22 1.20
C HIS A 54 7.28 5.03 0.86
N LEU A 55 7.04 4.83 -0.44
CA LEU A 55 6.21 3.74 -0.92
C LEU A 55 6.61 2.41 -0.25
N VAL A 56 7.86 2.01 -0.46
CA VAL A 56 8.35 0.77 0.12
C VAL A 56 8.36 0.84 1.65
N LYS A 57 8.98 1.88 2.19
CA LYS A 57 9.04 2.05 3.65
C LYS A 57 7.64 1.95 4.26
N PHE A 58 6.68 2.58 3.60
CA PHE A 58 5.29 2.57 4.06
C PHE A 58 4.80 1.13 4.25
N LEU A 59 4.53 0.45 3.14
CA LEU A 59 4.06 -0.93 3.19
C LEU A 59 5.10 -1.83 3.83
N GLY A 60 6.37 -1.41 3.74
CA GLY A 60 7.46 -2.19 4.32
C GLY A 60 7.19 -2.52 5.78
N LYS A 61 7.09 -1.49 6.60
CA LYS A 61 6.82 -1.68 8.03
C LYS A 61 5.42 -2.23 8.26
N GLN A 62 4.45 -1.71 7.49
CA GLN A 62 3.06 -2.15 7.62
C GLN A 62 2.94 -3.67 7.47
N PHE A 63 3.94 -4.27 6.85
CA PHE A 63 3.94 -5.72 6.64
C PHE A 63 5.29 -6.31 7.03
N ARG A 64 6.18 -5.46 7.55
CA ARG A 64 7.51 -5.88 7.96
C ARG A 64 8.12 -6.83 6.94
N VAL A 65 8.53 -6.28 5.80
CA VAL A 65 9.13 -7.08 4.73
C VAL A 65 10.28 -6.32 4.08
N ALA A 66 11.29 -7.07 3.64
CA ALA A 66 12.45 -6.46 2.98
C ALA A 66 12.03 -5.80 1.68
N LYS A 67 12.74 -4.73 1.31
CA LYS A 67 12.43 -4.02 0.07
C LYS A 67 12.49 -4.97 -1.12
N SER A 68 13.33 -6.00 -1.00
CA SER A 68 13.48 -7.00 -2.05
C SER A 68 12.18 -7.78 -2.26
N GLN A 69 11.17 -7.48 -1.45
CA GLN A 69 9.88 -8.16 -1.55
C GLN A 69 8.85 -7.28 -2.25
N VAL A 70 9.08 -5.97 -2.20
CA VAL A 70 8.16 -5.02 -2.84
C VAL A 70 8.61 -4.77 -4.28
N VAL A 71 7.72 -5.10 -5.23
CA VAL A 71 8.02 -4.92 -6.65
C VAL A 71 6.91 -4.12 -7.32
N ILE A 72 7.29 -3.11 -8.10
CA ILE A 72 6.32 -2.28 -8.81
C ILE A 72 5.79 -3.05 -10.04
N GLU A 73 4.51 -3.40 -10.00
CA GLU A 73 3.89 -4.13 -11.12
C GLU A 73 3.35 -3.18 -12.17
N LYS A 74 4.13 -2.12 -12.42
CA LYS A 74 3.81 -1.09 -13.42
C LYS A 74 3.12 0.10 -12.79
N GLY A 75 3.07 1.18 -13.56
CA GLY A 75 2.47 2.41 -13.10
C GLY A 75 3.43 3.57 -13.28
N GLU A 76 4.32 3.45 -14.26
CA GLU A 76 5.31 4.51 -14.54
C GLU A 76 4.61 5.85 -14.69
N LEU A 77 3.30 5.81 -14.89
CA LEU A 77 2.51 7.03 -15.05
C LEU A 77 2.00 7.52 -13.69
N GLY A 78 2.57 6.97 -12.61
CA GLY A 78 2.17 7.35 -11.26
C GLY A 78 0.73 6.90 -10.97
N ARG A 79 0.28 7.20 -9.75
CA ARG A 79 -1.07 6.84 -9.31
C ARG A 79 -1.41 5.41 -9.71
N HIS A 80 -1.91 5.22 -10.94
CA HIS A 80 -2.26 3.89 -11.43
C HIS A 80 -1.02 3.02 -11.48
N LYS A 81 -0.79 2.25 -10.42
CA LYS A 81 0.37 1.36 -10.37
C LYS A 81 0.02 0.10 -9.60
N GLN A 82 0.82 -0.95 -9.78
CA GLN A 82 0.55 -2.20 -9.06
C GLN A 82 1.78 -2.63 -8.27
N ILE A 83 1.56 -3.43 -7.24
CA ILE A 83 2.67 -3.90 -6.41
C ILE A 83 2.44 -5.37 -6.04
N LYS A 84 3.51 -6.05 -5.65
CA LYS A 84 3.41 -7.46 -5.29
C LYS A 84 4.32 -7.79 -4.12
N ILE A 85 3.72 -8.23 -3.02
CA ILE A 85 4.47 -8.59 -1.83
C ILE A 85 4.86 -10.06 -1.91
N ILE A 86 6.13 -10.32 -2.14
CA ILE A 86 6.64 -11.68 -2.25
C ILE A 86 6.94 -12.22 -0.86
N ASN A 87 6.58 -13.49 -0.62
CA ASN A 87 6.82 -14.13 0.67
C ASN A 87 6.65 -13.15 1.83
N PRO A 88 5.47 -13.05 2.39
CA PRO A 88 5.20 -12.12 3.53
C PRO A 88 5.95 -12.57 4.78
N GLN A 89 5.46 -12.17 5.95
CA GLN A 89 6.12 -12.53 7.20
C GLN A 89 5.13 -12.50 8.37
N GLN A 90 4.47 -11.36 8.57
CA GLN A 90 3.50 -11.22 9.65
C GLN A 90 2.17 -10.70 9.14
N ILE A 91 1.16 -10.78 10.00
CA ILE A 91 -0.19 -10.32 9.64
C ILE A 91 -1.01 -10.09 10.91
N PRO A 92 -0.88 -8.93 11.51
CA PRO A 92 -1.61 -8.58 12.76
C PRO A 92 -3.08 -8.26 12.50
N PRO A 93 -3.97 -8.86 13.26
CA PRO A 93 -5.43 -8.62 13.10
C PRO A 93 -5.77 -7.15 13.29
N GLU A 94 -4.86 -6.41 13.91
CA GLU A 94 -5.05 -4.98 14.17
C GLU A 94 -5.52 -4.27 12.89
N VAL A 95 -4.97 -4.67 11.76
CA VAL A 95 -5.33 -4.08 10.48
C VAL A 95 -6.76 -4.45 10.11
N ALA A 96 -6.97 -5.72 9.79
CA ALA A 96 -8.29 -6.20 9.41
C ALA A 96 -9.34 -5.78 10.43
N ALA A 97 -9.20 -6.27 11.66
CA ALA A 97 -10.13 -5.95 12.73
C ALA A 97 -10.54 -4.48 12.67
N LEU A 98 -9.54 -3.60 12.73
CA LEU A 98 -9.79 -2.16 12.68
C LEU A 98 -10.92 -1.77 13.65
N ILE A 99 -11.11 -2.59 14.68
CA ILE A 99 -12.15 -2.32 15.66
C ILE A 99 -11.74 -1.18 16.59
N ASN A 100 -10.47 -0.81 16.55
CA ASN A 100 -9.97 0.28 17.39
C ASN A 100 -10.42 1.64 16.86
N LEU A 101 -11.53 1.66 16.12
CA LEU A 101 -12.06 2.90 15.55
C LEU A 101 -10.93 3.83 15.11
N GLU A 102 -10.14 3.37 14.14
CA GLU A 102 -9.02 4.15 13.64
C GLU A 102 -8.06 4.47 14.79
N HIS A 103 -7.82 3.49 15.66
CA HIS A 103 -6.92 3.66 16.80
C HIS A 103 -7.62 4.45 17.92
N HIS A 104 -6.96 4.55 19.07
CA HIS A 104 -7.54 5.27 20.20
C HIS A 104 -6.43 5.85 21.09
N HIS A 105 -5.55 4.98 21.58
CA HIS A 105 -4.47 5.40 22.45
C HIS A 105 -3.52 6.36 21.73
N HIS A 106 -2.85 7.22 22.50
CA HIS A 106 -1.91 8.19 21.94
C HIS A 106 -0.70 7.47 21.35
N HIS A 107 0.48 7.79 21.86
CA HIS A 107 1.71 7.16 21.38
C HIS A 107 1.74 5.69 21.79
N HIS A 108 2.09 4.83 20.85
CA HIS A 108 2.16 3.40 21.15
C HIS A 108 3.45 3.09 21.91
N MET A 1 -13.28 -5.34 -15.40
CA MET A 1 -11.92 -5.25 -14.81
C MET A 1 -11.30 -3.91 -15.20
N ASP A 2 -11.14 -3.03 -14.20
CA ASP A 2 -10.56 -1.71 -14.44
C ASP A 2 -9.82 -1.21 -13.20
N GLY A 3 -10.02 -1.90 -12.07
CA GLY A 3 -9.37 -1.51 -10.82
C GLY A 3 -10.39 -0.97 -9.83
N VAL A 4 -11.39 -0.25 -10.34
CA VAL A 4 -12.44 0.32 -9.49
C VAL A 4 -12.92 -0.70 -8.46
N MET A 5 -13.24 -0.23 -7.26
CA MET A 5 -13.72 -1.11 -6.19
C MET A 5 -12.55 -1.92 -5.64
N SER A 6 -11.80 -2.53 -6.55
CA SER A 6 -10.64 -3.34 -6.18
C SER A 6 -9.43 -2.45 -5.90
N ALA A 7 -8.33 -3.06 -5.49
CA ALA A 7 -7.11 -2.30 -5.19
C ALA A 7 -6.11 -3.16 -4.41
N VAL A 8 -6.12 -4.47 -4.69
CA VAL A 8 -5.21 -5.39 -4.02
C VAL A 8 -4.87 -6.56 -4.93
N THR A 9 -3.59 -6.91 -4.98
CA THR A 9 -3.12 -8.01 -5.81
C THR A 9 -2.10 -8.84 -5.04
N VAL A 10 -2.43 -10.11 -4.82
CA VAL A 10 -1.54 -11.00 -4.09
C VAL A 10 -0.41 -11.51 -4.99
N ASN A 11 0.65 -12.01 -4.38
CA ASN A 11 1.79 -12.54 -5.13
C ASN A 11 2.45 -13.67 -4.35
N ASP A 12 3.59 -14.15 -4.87
CA ASP A 12 4.31 -15.25 -4.23
C ASP A 12 4.52 -14.97 -2.75
N ASP A 13 5.19 -13.87 -2.44
CA ASP A 13 5.45 -13.50 -1.04
C ASP A 13 5.26 -12.01 -0.82
N GLY A 14 4.13 -11.48 -1.29
CA GLY A 14 3.83 -10.06 -1.13
C GLY A 14 2.48 -9.70 -1.72
N LEU A 15 2.10 -8.43 -1.61
CA LEU A 15 0.82 -7.96 -2.13
C LEU A 15 0.95 -6.53 -2.63
N VAL A 16 0.30 -6.23 -3.75
CA VAL A 16 0.34 -4.90 -4.34
C VAL A 16 -0.77 -4.02 -3.74
N LEU A 17 -0.44 -2.76 -3.49
CA LEU A 17 -1.40 -1.81 -2.91
C LEU A 17 -1.47 -0.54 -3.76
N ARG A 18 -2.68 -0.08 -4.02
CA ARG A 18 -2.90 1.14 -4.80
C ARG A 18 -2.84 2.36 -3.89
N LEU A 19 -2.30 3.47 -4.41
CA LEU A 19 -2.18 4.69 -3.62
C LEU A 19 -2.54 5.92 -4.44
N TYR A 20 -2.72 7.05 -3.73
CA TYR A 20 -3.06 8.32 -4.37
C TYR A 20 -2.62 9.48 -3.47
N ILE A 21 -1.36 9.86 -3.62
CA ILE A 21 -0.80 10.95 -2.80
C ILE A 21 -1.37 12.30 -3.22
N GLN A 22 -1.46 13.21 -2.26
CA GLN A 22 -1.98 14.54 -2.51
C GLN A 22 -1.19 15.58 -1.70
N PRO A 23 -0.25 16.23 -2.33
CA PRO A 23 0.60 17.26 -1.65
C PRO A 23 -0.21 18.49 -1.24
N LYS A 24 0.43 19.36 -0.46
CA LYS A 24 -0.20 20.60 0.02
C LYS A 24 -1.71 20.42 0.26
N ALA A 25 -2.08 19.25 0.76
CA ALA A 25 -3.49 18.96 1.03
C ALA A 25 -3.93 19.60 2.35
N SER A 26 -3.00 20.30 3.00
CA SER A 26 -3.26 20.98 4.27
C SER A 26 -3.23 19.99 5.44
N ARG A 27 -4.05 18.95 5.35
CA ARG A 27 -4.10 17.94 6.42
C ARG A 27 -2.93 16.97 6.30
N ASP A 28 -2.65 16.28 7.41
CA ASP A 28 -1.56 15.30 7.45
C ASP A 28 -1.89 14.10 6.56
N SER A 29 -0.98 13.13 6.54
CA SER A 29 -1.17 11.93 5.72
C SER A 29 -2.36 11.12 6.24
N ILE A 30 -2.79 10.14 5.45
CA ILE A 30 -3.93 9.30 5.83
C ILE A 30 -5.15 10.17 6.12
N VAL A 31 -5.80 10.65 5.05
CA VAL A 31 -6.98 11.49 5.17
C VAL A 31 -8.25 10.66 4.98
N GLY A 32 -8.13 9.60 4.18
CA GLY A 32 -9.29 8.74 3.90
C GLY A 32 -8.86 7.29 3.69
N LEU A 33 -8.36 6.66 4.74
CA LEU A 33 -7.92 5.26 4.65
C LEU A 33 -9.12 4.37 4.31
N HIS A 34 -9.40 4.25 3.01
CA HIS A 34 -10.52 3.44 2.55
C HIS A 34 -10.14 2.67 1.29
N GLY A 35 -10.99 1.72 0.91
CA GLY A 35 -10.74 0.91 -0.29
C GLY A 35 -10.79 1.78 -1.54
N ASP A 36 -10.77 1.13 -2.71
CA ASP A 36 -10.80 1.85 -3.99
C ASP A 36 -9.48 2.56 -4.25
N GLU A 37 -9.00 3.29 -3.25
CA GLU A 37 -7.75 4.02 -3.37
C GLU A 37 -7.41 4.70 -2.04
N VAL A 38 -6.23 4.41 -1.50
CA VAL A 38 -5.80 5.00 -0.24
C VAL A 38 -5.13 6.35 -0.48
N LYS A 39 -5.85 7.42 -0.19
CA LYS A 39 -5.32 8.76 -0.38
C LYS A 39 -4.32 9.09 0.73
N VAL A 40 -3.34 9.92 0.42
CA VAL A 40 -2.33 10.30 1.40
C VAL A 40 -1.79 11.70 1.08
N ALA A 41 -1.20 12.34 2.08
CA ALA A 41 -0.64 13.68 1.90
C ALA A 41 0.58 13.87 2.78
N ILE A 42 1.55 14.63 2.29
CA ILE A 42 2.77 14.88 3.06
C ILE A 42 3.22 16.33 2.90
N THR A 43 2.34 17.16 2.35
CA THR A 43 2.64 18.58 2.11
C THR A 43 3.98 18.74 1.39
N ALA A 44 4.53 17.61 0.92
CA ALA A 44 5.80 17.62 0.20
C ALA A 44 5.53 17.38 -1.29
N PRO A 45 6.09 18.20 -2.15
CA PRO A 45 5.89 18.05 -3.61
C PRO A 45 6.33 16.66 -4.10
N PRO A 46 6.16 16.38 -5.37
CA PRO A 46 6.54 15.07 -5.96
C PRO A 46 8.05 14.91 -6.11
N VAL A 47 8.81 15.80 -5.45
CA VAL A 47 10.27 15.76 -5.51
C VAL A 47 10.78 14.32 -5.40
N ASP A 48 11.11 13.72 -6.55
CA ASP A 48 11.61 12.36 -6.57
C ASP A 48 12.81 12.21 -5.63
N GLY A 49 13.37 13.33 -5.17
CA GLY A 49 14.51 13.32 -4.27
C GLY A 49 14.08 13.35 -2.80
N GLN A 50 13.08 14.18 -2.50
CA GLN A 50 12.58 14.29 -1.12
C GLN A 50 11.25 13.57 -0.94
N ALA A 51 10.37 13.71 -1.92
CA ALA A 51 9.05 13.08 -1.86
C ALA A 51 9.17 11.57 -1.71
N ASN A 52 10.01 10.96 -2.54
CA ASN A 52 10.21 9.52 -2.50
C ASN A 52 10.61 9.06 -1.09
N SER A 53 11.43 9.87 -0.42
CA SER A 53 11.89 9.55 0.92
C SER A 53 10.71 9.38 1.87
N HIS A 54 10.05 10.47 2.21
CA HIS A 54 8.91 10.44 3.11
C HIS A 54 7.90 9.37 2.68
N LEU A 55 7.82 9.12 1.37
CA LEU A 55 6.90 8.12 0.85
C LEU A 55 7.18 6.76 1.48
N VAL A 56 8.36 6.22 1.20
CA VAL A 56 8.73 4.91 1.75
C VAL A 56 8.80 4.96 3.27
N LYS A 57 9.38 6.05 3.79
CA LYS A 57 9.51 6.21 5.25
C LYS A 57 8.15 6.07 5.92
N PHE A 58 7.17 6.84 5.43
CA PHE A 58 5.82 6.81 5.98
C PHE A 58 5.29 5.38 5.99
N LEU A 59 5.16 4.79 4.80
CA LEU A 59 4.66 3.42 4.67
C LEU A 59 5.58 2.47 5.42
N GLY A 60 6.87 2.77 5.41
CA GLY A 60 7.85 1.94 6.09
C GLY A 60 7.48 1.74 7.54
N LYS A 61 7.20 2.83 8.23
CA LYS A 61 6.82 2.75 9.64
C LYS A 61 5.44 2.12 9.79
N GLN A 62 4.48 2.61 9.01
CA GLN A 62 3.11 2.11 9.06
C GLN A 62 3.06 0.60 8.80
N PHE A 63 3.84 0.13 7.85
CA PHE A 63 3.88 -1.29 7.51
C PHE A 63 5.14 -1.96 8.08
N ARG A 64 5.92 -1.18 8.82
CA ARG A 64 7.15 -1.70 9.42
C ARG A 64 8.06 -2.30 8.34
N VAL A 65 8.04 -1.68 7.15
CA VAL A 65 8.86 -2.14 6.03
C VAL A 65 9.80 -1.04 5.57
N ALA A 66 10.38 -1.21 4.38
CA ALA A 66 11.30 -0.22 3.82
C ALA A 66 11.71 -0.62 2.41
N LYS A 67 12.66 0.13 1.84
CA LYS A 67 13.15 -0.15 0.48
C LYS A 67 13.51 -1.63 0.32
N SER A 68 13.90 -2.26 1.43
CA SER A 68 14.28 -3.66 1.42
C SER A 68 13.12 -4.54 0.95
N GLN A 69 11.90 -4.03 1.08
CA GLN A 69 10.71 -4.79 0.68
C GLN A 69 9.76 -3.90 -0.14
N VAL A 70 9.98 -2.59 -0.11
CA VAL A 70 9.16 -1.65 -0.86
C VAL A 70 9.72 -1.48 -2.26
N VAL A 71 8.87 -1.67 -3.27
CA VAL A 71 9.30 -1.54 -4.66
C VAL A 71 8.25 -0.80 -5.48
N ILE A 72 8.69 0.25 -6.16
CA ILE A 72 7.77 1.04 -7.00
C ILE A 72 7.46 0.28 -8.29
N GLU A 73 6.17 -0.04 -8.47
CA GLU A 73 5.73 -0.76 -9.66
C GLU A 73 5.39 0.21 -10.78
N LYS A 74 4.50 1.15 -10.48
CA LYS A 74 4.08 2.14 -11.46
C LYS A 74 3.63 3.42 -10.77
N GLY A 75 3.27 4.41 -11.58
CA GLY A 75 2.83 5.69 -11.03
C GLY A 75 3.95 6.72 -11.10
N GLU A 76 4.76 6.64 -12.15
CA GLU A 76 5.87 7.57 -12.33
C GLU A 76 5.35 9.01 -12.32
N LEU A 77 4.04 9.15 -12.49
CA LEU A 77 3.41 10.47 -12.51
C LEU A 77 3.01 10.90 -11.10
N GLY A 78 3.34 10.08 -10.10
CA GLY A 78 3.01 10.40 -8.71
C GLY A 78 1.55 10.06 -8.39
N ARG A 79 1.09 10.53 -7.23
CA ARG A 79 -0.28 10.29 -6.76
C ARG A 79 -0.73 8.85 -7.05
N HIS A 80 -1.22 8.61 -8.26
CA HIS A 80 -1.67 7.28 -8.65
C HIS A 80 -0.48 6.35 -8.84
N LYS A 81 -0.17 5.54 -7.83
CA LYS A 81 0.97 4.63 -7.91
C LYS A 81 0.70 3.33 -7.17
N GLN A 82 1.46 2.29 -7.52
CA GLN A 82 1.32 0.99 -6.88
C GLN A 82 2.63 0.58 -6.21
N ILE A 83 2.53 -0.22 -5.16
CA ILE A 83 3.72 -0.66 -4.43
C ILE A 83 3.58 -2.12 -4.01
N LYS A 84 4.63 -2.90 -4.25
CA LYS A 84 4.62 -4.32 -3.90
C LYS A 84 5.24 -4.52 -2.51
N ILE A 85 4.40 -4.84 -1.53
CA ILE A 85 4.87 -5.07 -0.16
C ILE A 85 5.31 -6.51 0.00
N ILE A 86 6.61 -6.75 -0.17
CA ILE A 86 7.18 -8.09 -0.05
C ILE A 86 7.39 -8.48 1.41
N ASN A 87 6.79 -9.59 1.82
CA ASN A 87 6.93 -10.10 3.19
C ASN A 87 6.88 -8.96 4.21
N PRO A 88 5.73 -8.67 4.77
CA PRO A 88 5.59 -7.59 5.79
C PRO A 88 6.36 -7.92 7.06
N GLN A 89 5.94 -7.35 8.19
CA GLN A 89 6.62 -7.61 9.46
C GLN A 89 5.68 -7.40 10.65
N GLN A 90 5.19 -6.18 10.82
CA GLN A 90 4.30 -5.89 11.94
C GLN A 90 3.22 -4.88 11.55
N ILE A 91 2.19 -4.79 12.41
CA ILE A 91 1.03 -3.90 12.27
C ILE A 91 -0.16 -4.56 11.54
N PRO A 92 -0.06 -4.96 10.30
CA PRO A 92 -1.20 -5.63 9.60
C PRO A 92 -1.44 -7.04 10.14
N PRO A 93 -2.53 -7.25 10.85
CA PRO A 93 -2.85 -8.59 11.45
C PRO A 93 -3.39 -9.58 10.42
N GLU A 94 -4.66 -9.41 10.06
CA GLU A 94 -5.32 -10.30 9.10
C GLU A 94 -4.55 -10.39 7.79
N VAL A 95 -3.94 -9.28 7.38
CA VAL A 95 -3.17 -9.26 6.13
C VAL A 95 -1.89 -10.08 6.26
N ALA A 96 -1.06 -9.73 7.24
CA ALA A 96 0.20 -10.43 7.47
C ALA A 96 -0.03 -11.94 7.56
N ALA A 97 -0.95 -12.34 8.46
CA ALA A 97 -1.25 -13.76 8.64
C ALA A 97 -1.36 -14.46 7.29
N LEU A 98 -2.37 -14.07 6.51
CA LEU A 98 -2.58 -14.66 5.19
C LEU A 98 -2.85 -16.16 5.27
N ILE A 99 -2.67 -16.73 6.46
CA ILE A 99 -2.89 -18.17 6.67
C ILE A 99 -4.40 -18.47 6.66
N ASN A 100 -5.20 -17.41 6.57
CA ASN A 100 -6.66 -17.57 6.55
C ASN A 100 -7.12 -18.24 5.27
N LEU A 101 -6.16 -18.72 4.46
CA LEU A 101 -6.49 -19.39 3.21
C LEU A 101 -7.06 -20.79 3.48
N GLU A 102 -7.08 -21.17 4.76
CA GLU A 102 -7.59 -22.48 5.15
C GLU A 102 -9.13 -22.48 5.18
N HIS A 103 -9.70 -22.31 6.39
CA HIS A 103 -11.15 -22.30 6.57
C HIS A 103 -11.70 -23.72 6.58
N HIS A 104 -12.24 -24.12 7.74
CA HIS A 104 -12.81 -25.46 7.89
C HIS A 104 -13.74 -25.80 6.73
N HIS A 105 -13.68 -27.06 6.28
CA HIS A 105 -14.53 -27.51 5.17
C HIS A 105 -15.06 -28.91 5.42
N HIS A 106 -15.89 -29.05 6.45
CA HIS A 106 -16.47 -30.35 6.80
C HIS A 106 -17.48 -30.77 5.73
N HIS A 107 -17.67 -32.08 5.60
CA HIS A 107 -18.61 -32.62 4.62
C HIS A 107 -19.99 -32.00 4.79
N HIS A 108 -20.81 -32.09 3.74
CA HIS A 108 -22.17 -31.53 3.78
C HIS A 108 -23.15 -32.59 4.29
#